data_6NQU
#
_entry.id   6NQU
#
_cell.length_a   187.478
_cell.length_b   187.478
_cell.length_c   107.285
_cell.angle_alpha   90.00
_cell.angle_beta   90.00
_cell.angle_gamma   120.00
#
_symmetry.space_group_name_H-M   'P 61 2 2'
#
loop_
_entity.id
_entity.type
_entity.pdbx_description
1 polymer 'Lysine-specific histone demethylase 1A'
2 non-polymer '[[(2~{R},3~{S},4~{R},5~{R})-5-(6-aminopurin-9-yl)-3,4-bis(oxidanyl)oxolan-2-yl]methoxy-oxidanyl-phosphoryl] [(2~{R},3~{S},4~{S})-5-[(9~{S},11~{R})-15,16-dimethyl-11-oxidanyl-5,7-bis(oxidanylidene)-9-phenyl-2,4,6,12-tetrazabicyclo[11.4.0]heptadeca-1(17),13,15-trien-2-yl]-2,3,4-tris(oxidanyl)pentyl] hydrogen phosphate'
#
_entity_poly.entity_id   1
_entity_poly.type   'polypeptide(L)'
_entity_poly.pdbx_seq_one_letter_code
;GVEGAAFQSRLPHDRMTSQEAACFPDIISGPQQTQKVFLFIRNRTLQLWLDNPKIQLTFEATLQQLEAPYNSDTVLVHRV
HSYLERHGLINFGIYKRIKPLPTKKTGKVIIIGSGVSGLAAARQLQSFGMDVTLLEARDRVGGRVATFRKGNYVADLGAM
VVTGLGGNPMAVVSKQVNMELAKIKQKCPLYEANGQAVPKEKDEMVEQEFNRLLEATSYLSHQLDFNVLNNKPVSLGQAL
EVVIQLQEKHVKDEQIEHWKKIVKTQEELKELLNKMVNLKEKIKELHQQYKEASEVKPPRDITAEFLVKSKHRDLTALCK
EYDELAETQGKLEEKLQELEANPPSDVYLSSRDRQILDWHFANLEFANATPLSTLSLKHWDQDDDFEFTGSHLTVRNGYS
CVPVALAEGLDIKLNTAVRQVRYTASGCEVIAVNTRSTSQTFIYKCDAVLCTLPLGVLKQQPPAVQFVPPLPEWKTSAVQ
RMGFGNLNKVVLCFDRVFWDPSVNLFGHVGSTTASRGELFLFWNLYKAPILLALVAGEAAGIMENISDDVIVGRCLAILK
GIFGSSAVPQPKETVVSRWRADPWARGSYSYVAAGSSGNDYDLMAQPITPGPSIPGAPQPIPRLFFAGEHTIRNYPATVH
GALLSGLREAGRIADQFL
;
_entity_poly.pdbx_strand_id   A
#
# COMPACT_ATOMS: atom_id res chain seq x y z
N GLY A 1 21.17 -4.77 22.25
CA GLY A 1 22.08 -5.72 21.65
C GLY A 1 21.37 -6.93 21.08
N VAL A 2 21.23 -7.98 21.90
CA VAL A 2 20.48 -9.15 21.47
C VAL A 2 18.99 -8.87 21.46
N GLU A 3 18.56 -7.78 22.11
CA GLU A 3 17.15 -7.42 22.06
C GLU A 3 16.73 -7.03 20.64
N GLY A 4 17.61 -6.35 19.90
CA GLY A 4 17.24 -5.89 18.57
C GLY A 4 17.16 -7.01 17.55
N ALA A 5 17.88 -8.10 17.77
CA ALA A 5 17.80 -9.25 16.86
C ALA A 5 16.37 -9.77 16.77
N ALA A 6 15.73 -9.95 17.93
CA ALA A 6 14.35 -10.42 17.96
C ALA A 6 13.41 -9.46 17.24
N PHE A 7 13.59 -8.15 17.44
CA PHE A 7 12.78 -7.18 16.72
C PHE A 7 12.96 -7.33 15.22
N GLN A 8 14.22 -7.36 14.75
CA GLN A 8 14.48 -7.54 13.33
C GLN A 8 13.92 -8.85 12.81
N SER A 9 13.69 -9.84 13.67
CA SER A 9 13.08 -11.10 13.28
C SER A 9 11.56 -11.12 13.48
N ARG A 10 10.93 -9.96 13.71
CA ARG A 10 9.48 -9.85 13.89
C ARG A 10 9.00 -10.63 15.12
N LEU A 11 9.77 -10.56 16.21
CA LEU A 11 9.46 -11.35 17.39
C LEU A 11 9.60 -10.50 18.66
N PRO A 12 8.82 -10.81 19.69
CA PRO A 12 9.03 -10.17 20.99
C PRO A 12 10.28 -10.72 21.67
N HIS A 13 11.12 -9.80 22.17
CA HIS A 13 12.38 -10.22 22.77
C HIS A 13 12.21 -10.87 24.13
N ASP A 14 11.10 -10.61 24.81
CA ASP A 14 10.89 -11.08 26.18
C ASP A 14 9.74 -12.09 26.28
N ARG A 15 9.22 -12.57 25.16
CA ARG A 15 8.06 -13.46 25.15
C ARG A 15 8.33 -14.66 24.24
N MET A 16 7.43 -15.63 24.30
CA MET A 16 7.47 -16.79 23.42
C MET A 16 6.26 -16.79 22.52
N THR A 17 6.49 -16.89 21.20
CA THR A 17 5.40 -16.96 20.24
C THR A 17 4.56 -18.22 20.47
N SER A 18 3.35 -18.19 19.91
CA SER A 18 2.51 -19.39 19.89
C SER A 18 3.24 -20.56 19.27
N GLN A 19 3.91 -20.32 18.13
CA GLN A 19 4.63 -21.38 17.44
C GLN A 19 5.73 -21.98 18.31
N GLU A 20 6.49 -21.11 18.99
CA GLU A 20 7.52 -21.60 19.90
C GLU A 20 6.91 -22.40 21.04
N ALA A 21 5.79 -21.92 21.59
CA ALA A 21 5.08 -22.68 22.62
C ALA A 21 4.71 -24.07 22.11
N ALA A 22 4.27 -24.16 20.86
CA ALA A 22 3.90 -25.45 20.30
C ALA A 22 5.11 -26.36 20.16
N CYS A 23 6.22 -25.83 19.63
CA CYS A 23 7.41 -26.62 19.40
C CYS A 23 8.25 -26.83 20.65
N PHE A 24 7.98 -26.10 21.74
CA PHE A 24 8.73 -26.24 22.99
C PHE A 24 7.77 -26.29 24.17
N PRO A 25 6.86 -27.27 24.20
CA PRO A 25 5.87 -27.28 25.28
C PRO A 25 6.48 -27.55 26.65
N ASP A 26 7.57 -28.33 26.71
CA ASP A 26 8.25 -28.58 27.98
C ASP A 26 8.82 -27.30 28.58
N ILE A 27 9.00 -26.26 27.77
CA ILE A 27 9.58 -25.01 28.27
C ILE A 27 8.50 -24.06 28.78
N ILE A 28 7.41 -23.88 28.03
CA ILE A 28 6.34 -23.03 28.54
C ILE A 28 5.70 -23.67 29.76
N SER A 29 5.48 -24.98 29.73
CA SER A 29 4.95 -25.71 30.86
C SER A 29 5.99 -25.96 31.94
N GLY A 30 7.23 -25.50 31.74
CA GLY A 30 8.26 -25.65 32.73
C GLY A 30 8.54 -24.35 33.46
N PRO A 31 9.56 -24.34 34.31
CA PRO A 31 9.86 -23.14 35.10
C PRO A 31 10.24 -21.95 34.21
N GLN A 32 9.94 -20.76 34.73
CA GLN A 32 10.20 -19.53 33.97
C GLN A 32 11.68 -19.29 33.73
N GLN A 33 12.54 -19.82 34.62
CA GLN A 33 13.98 -19.69 34.44
C GLN A 33 14.42 -20.33 33.12
N THR A 34 13.94 -21.55 32.86
CA THR A 34 14.23 -22.21 31.60
C THR A 34 13.71 -21.41 30.42
N GLN A 35 12.57 -20.72 30.59
CA GLN A 35 12.05 -19.89 29.52
C GLN A 35 12.98 -18.73 29.22
N LYS A 36 13.52 -18.08 30.25
CA LYS A 36 14.47 -16.99 30.02
C LYS A 36 15.74 -17.49 29.34
N VAL A 37 16.21 -18.68 29.73
CA VAL A 37 17.37 -19.27 29.07
C VAL A 37 17.10 -19.52 27.59
N PHE A 38 15.94 -20.14 27.31
CA PHE A 38 15.52 -20.39 25.93
C PHE A 38 15.50 -19.09 25.13
N LEU A 39 14.92 -18.05 25.71
CA LEU A 39 14.78 -16.77 25.03
C LEU A 39 16.14 -16.16 24.72
N PHE A 40 17.08 -16.24 25.66
CA PHE A 40 18.40 -15.68 25.36
C PHE A 40 19.09 -16.47 24.26
N ILE A 41 18.98 -17.80 24.28
CA ILE A 41 19.61 -18.59 23.23
C ILE A 41 19.04 -18.23 21.87
N ARG A 42 17.71 -18.06 21.81
CA ARG A 42 17.07 -17.70 20.54
C ARG A 42 17.53 -16.33 20.06
N ASN A 43 17.47 -15.32 20.94
CA ASN A 43 17.87 -13.97 20.57
C ASN A 43 19.33 -13.91 20.12
N ARG A 44 20.21 -14.62 20.83
CA ARG A 44 21.63 -14.58 20.50
C ARG A 44 21.93 -15.31 19.20
N THR A 45 21.23 -16.42 18.92
CA THR A 45 21.41 -17.08 17.63
C THR A 45 20.96 -16.17 16.49
N LEU A 46 19.81 -15.50 16.67
CA LEU A 46 19.36 -14.56 15.66
C LEU A 46 20.36 -13.43 15.46
N GLN A 47 20.97 -12.94 16.55
CA GLN A 47 21.94 -11.86 16.42
C GLN A 47 23.19 -12.33 15.68
N LEU A 48 23.66 -13.54 16.01
CA LEU A 48 24.81 -14.09 15.29
C LEU A 48 24.54 -14.17 13.80
N TRP A 49 23.35 -14.63 13.43
CA TRP A 49 23.03 -14.74 12.00
C TRP A 49 22.94 -13.38 11.34
N LEU A 50 22.32 -12.40 12.01
CA LEU A 50 22.12 -11.10 11.39
C LEU A 50 23.40 -10.29 11.33
N ASP A 51 24.34 -10.54 12.24
CA ASP A 51 25.62 -9.84 12.20
C ASP A 51 26.42 -10.22 10.96
N ASN A 52 26.27 -11.45 10.48
CA ASN A 52 27.01 -11.93 9.31
C ASN A 52 26.10 -12.87 8.52
N PRO A 53 25.18 -12.32 7.75
CA PRO A 53 24.23 -13.16 6.99
C PRO A 53 24.75 -13.67 5.65
N LYS A 54 26.04 -13.54 5.37
CA LYS A 54 26.59 -14.03 4.12
C LYS A 54 27.14 -15.46 4.22
N ILE A 55 27.29 -15.99 5.42
CA ILE A 55 27.72 -17.36 5.62
C ILE A 55 26.67 -18.10 6.44
N GLN A 56 26.57 -19.41 6.21
CA GLN A 56 25.65 -20.24 6.98
C GLN A 56 26.05 -20.25 8.45
N LEU A 57 25.04 -20.25 9.32
CA LEU A 57 25.25 -20.28 10.77
C LEU A 57 24.97 -21.70 11.26
N THR A 58 26.02 -22.43 11.61
CA THR A 58 25.91 -23.83 11.98
C THR A 58 25.67 -23.98 13.48
N PHE A 59 25.13 -25.13 13.86
CA PHE A 59 25.01 -25.50 15.27
C PHE A 59 26.36 -25.38 15.98
N GLU A 60 27.41 -25.88 15.35
CA GLU A 60 28.75 -25.81 15.91
C GLU A 60 29.17 -24.36 16.15
N ALA A 61 28.95 -23.50 15.16
CA ALA A 61 29.33 -22.09 15.32
C ALA A 61 28.53 -21.41 16.41
N THR A 62 27.23 -21.71 16.52
CA THR A 62 26.43 -21.15 17.59
C THR A 62 26.95 -21.56 18.95
N LEU A 63 27.25 -22.85 19.12
CA LEU A 63 27.81 -23.32 20.39
C LEU A 63 29.13 -22.61 20.69
N GLN A 64 30.01 -22.52 19.69
CA GLN A 64 31.32 -21.91 19.92
C GLN A 64 31.20 -20.44 20.32
N GLN A 65 30.32 -19.69 19.65
CA GLN A 65 30.21 -18.25 19.90
C GLN A 65 29.25 -17.91 21.04
N LEU A 66 28.75 -18.89 21.77
CA LEU A 66 27.81 -18.62 22.84
C LEU A 66 28.55 -18.29 24.13
N GLU A 67 27.91 -17.48 24.97
CA GLU A 67 28.53 -17.02 26.20
C GLU A 67 28.56 -18.15 27.23
N ALA A 68 29.43 -17.98 28.23
CA ALA A 68 29.79 -19.04 29.17
C ALA A 68 28.62 -19.85 29.73
N PRO A 69 27.57 -19.23 30.31
CA PRO A 69 26.53 -20.07 30.94
C PRO A 69 25.75 -20.92 29.97
N TYR A 70 25.55 -20.44 28.74
CA TYR A 70 24.64 -21.06 27.78
C TYR A 70 25.31 -22.08 26.87
N ASN A 71 26.59 -21.90 26.54
CA ASN A 71 27.28 -22.88 25.70
C ASN A 71 27.41 -24.24 26.37
N SER A 72 27.06 -24.35 27.65
CA SER A 72 27.08 -25.64 28.33
C SER A 72 25.89 -26.51 27.92
N ASP A 73 24.70 -25.93 27.83
CA ASP A 73 23.47 -26.66 27.53
C ASP A 73 23.37 -26.84 26.02
N THR A 74 23.99 -27.92 25.52
CA THR A 74 24.07 -28.14 24.08
C THR A 74 22.78 -28.68 23.49
N VAL A 75 22.01 -29.46 24.25
CA VAL A 75 20.78 -30.04 23.72
C VAL A 75 19.76 -28.94 23.43
N LEU A 76 19.56 -28.02 24.38
CA LEU A 76 18.61 -26.94 24.16
C LEU A 76 19.11 -25.98 23.07
N VAL A 77 20.42 -25.73 23.02
CA VAL A 77 20.98 -24.92 21.95
C VAL A 77 20.69 -25.56 20.59
N HIS A 78 20.84 -26.88 20.50
CA HIS A 78 20.56 -27.57 19.25
C HIS A 78 19.09 -27.47 18.87
N ARG A 79 18.21 -27.69 19.85
CA ARG A 79 16.78 -27.59 19.58
C ARG A 79 16.43 -26.20 19.05
N VAL A 80 16.99 -25.16 19.66
CA VAL A 80 16.69 -23.80 19.24
C VAL A 80 17.25 -23.53 17.84
N HIS A 81 18.50 -23.93 17.58
CA HIS A 81 19.08 -23.71 16.26
C HIS A 81 18.28 -24.43 15.19
N SER A 82 17.89 -25.68 15.44
CA SER A 82 17.12 -26.43 14.47
C SER A 82 15.76 -25.79 14.22
N TYR A 83 15.08 -25.34 15.29
CA TYR A 83 13.80 -24.68 15.13
C TYR A 83 13.94 -23.43 14.26
N LEU A 84 14.95 -22.60 14.55
CA LEU A 84 15.12 -21.36 13.80
C LEU A 84 15.50 -21.64 12.34
N GLU A 85 16.34 -22.66 12.11
CA GLU A 85 16.77 -22.99 10.76
C GLU A 85 15.61 -23.51 9.92
N ARG A 86 14.76 -24.36 10.52
CA ARG A 86 13.64 -24.92 9.79
C ARG A 86 12.66 -23.86 9.34
N HIS A 87 12.40 -22.87 10.20
CA HIS A 87 11.37 -21.87 9.93
C HIS A 87 11.92 -20.65 9.17
N GLY A 88 13.14 -20.74 8.65
CA GLY A 88 13.67 -19.68 7.82
C GLY A 88 14.01 -18.39 8.53
N LEU A 89 14.47 -18.47 9.77
CA LEU A 89 14.85 -17.27 10.50
C LEU A 89 16.36 -17.07 10.59
N ILE A 90 17.16 -18.12 10.39
CA ILE A 90 18.61 -18.00 10.53
C ILE A 90 19.39 -18.47 9.31
N ASN A 91 18.80 -19.16 8.34
CA ASN A 91 19.59 -19.64 7.19
C ASN A 91 18.74 -19.54 5.93
N PHE A 92 18.43 -18.30 5.53
CA PHE A 92 17.59 -18.04 4.37
C PHE A 92 18.26 -17.03 3.46
N GLY A 93 17.88 -17.09 2.17
CA GLY A 93 18.48 -16.25 1.17
C GLY A 93 19.69 -16.89 0.53
N ILE A 94 20.67 -16.09 0.13
CA ILE A 94 21.90 -16.60 -0.46
C ILE A 94 23.02 -16.45 0.57
N TYR A 95 23.55 -17.58 1.00
CA TYR A 95 24.70 -17.64 1.89
C TYR A 95 25.64 -18.71 1.36
N LYS A 96 26.92 -18.60 1.73
CA LYS A 96 27.86 -19.68 1.42
C LYS A 96 27.74 -20.74 2.49
N ARG A 97 27.55 -21.99 2.07
CA ARG A 97 27.41 -23.09 2.99
C ARG A 97 28.78 -23.53 3.50
N ILE A 98 28.84 -23.89 4.78
CA ILE A 98 30.09 -24.40 5.33
C ILE A 98 30.36 -25.80 4.82
N LYS A 99 29.32 -26.64 4.75
CA LYS A 99 29.52 -27.97 4.23
C LYS A 99 28.53 -28.26 3.11
N PRO A 100 29.00 -28.80 2.00
CA PRO A 100 28.14 -29.01 0.83
C PRO A 100 26.94 -29.89 1.14
N LEU A 101 25.98 -29.85 0.22
CA LEU A 101 24.74 -30.60 0.42
C LEU A 101 24.97 -32.10 0.21
N PRO A 102 24.22 -32.94 0.91
CA PRO A 102 24.33 -34.38 0.68
C PRO A 102 23.87 -34.73 -0.73
N THR A 103 24.47 -35.78 -1.29
CA THR A 103 24.15 -36.16 -2.66
C THR A 103 22.78 -36.83 -2.74
N LYS A 104 22.43 -37.64 -1.74
CA LYS A 104 21.13 -38.29 -1.71
C LYS A 104 20.09 -37.33 -1.17
N LYS A 105 19.06 -37.05 -1.96
CA LYS A 105 17.98 -36.14 -1.60
C LYS A 105 16.74 -36.94 -1.27
N THR A 106 15.98 -36.48 -0.26
CA THR A 106 15.02 -37.32 0.44
C THR A 106 13.56 -36.97 0.12
N GLY A 107 13.31 -36.21 -0.94
CA GLY A 107 11.96 -35.89 -1.32
C GLY A 107 11.94 -35.16 -2.65
N LYS A 108 10.78 -35.17 -3.28
CA LYS A 108 10.61 -34.55 -4.60
C LYS A 108 9.45 -33.56 -4.54
N VAL A 109 9.77 -32.28 -4.71
CA VAL A 109 8.80 -31.20 -4.72
C VAL A 109 8.92 -30.45 -6.03
N ILE A 110 7.79 -30.24 -6.70
CA ILE A 110 7.71 -29.35 -7.85
C ILE A 110 7.17 -28.02 -7.36
N ILE A 111 7.83 -26.93 -7.75
CA ILE A 111 7.40 -25.58 -7.39
C ILE A 111 6.93 -24.88 -8.67
N ILE A 112 5.69 -24.43 -8.65
CA ILE A 112 5.11 -23.72 -9.80
C ILE A 112 5.40 -22.23 -9.64
N GLY A 113 6.14 -21.67 -10.59
CA GLY A 113 6.47 -20.26 -10.55
C GLY A 113 7.83 -19.95 -9.96
N SER A 114 8.54 -19.02 -10.56
CA SER A 114 9.89 -18.64 -10.15
C SER A 114 9.94 -17.19 -9.68
N GLY A 115 8.90 -16.75 -8.98
CA GLY A 115 8.92 -15.47 -8.31
C GLY A 115 9.70 -15.55 -7.01
N VAL A 116 9.62 -14.47 -6.23
CA VAL A 116 10.37 -14.40 -4.97
C VAL A 116 9.93 -15.50 -4.03
N SER A 117 8.61 -15.76 -3.94
CA SER A 117 8.12 -16.82 -3.08
C SER A 117 8.62 -18.18 -3.53
N GLY A 118 8.49 -18.47 -4.83
CA GLY A 118 8.97 -19.75 -5.35
C GLY A 118 10.45 -19.94 -5.12
N LEU A 119 11.25 -18.91 -5.43
CA LEU A 119 12.70 -19.04 -5.30
C LEU A 119 13.13 -19.18 -3.85
N ALA A 120 12.50 -18.40 -2.95
CA ALA A 120 12.82 -18.50 -1.53
C ALA A 120 12.51 -19.89 -0.99
N ALA A 121 11.31 -20.38 -1.28
CA ALA A 121 10.92 -21.71 -0.82
C ALA A 121 11.84 -22.78 -1.41
N ALA A 122 12.22 -22.62 -2.68
CA ALA A 122 13.09 -23.60 -3.33
C ALA A 122 14.47 -23.61 -2.70
N ARG A 123 15.02 -22.43 -2.43
CA ARG A 123 16.32 -22.35 -1.77
C ARG A 123 16.28 -23.03 -0.41
N GLN A 124 15.22 -22.78 0.35
CA GLN A 124 15.07 -23.45 1.65
C GLN A 124 15.03 -24.97 1.49
N LEU A 125 14.14 -25.46 0.63
CA LEU A 125 13.96 -26.90 0.46
C LEU A 125 15.25 -27.55 0.01
N GLN A 126 16.00 -26.88 -0.87
CA GLN A 126 17.28 -27.41 -1.32
C GLN A 126 18.29 -27.46 -0.17
N SER A 127 18.30 -26.43 0.66
CA SER A 127 19.13 -26.48 1.87
C SER A 127 18.75 -27.68 2.73
N PHE A 128 17.46 -28.01 2.78
CA PHE A 128 17.00 -29.13 3.60
C PHE A 128 17.28 -30.50 2.99
N GLY A 129 17.90 -30.56 1.81
CA GLY A 129 18.24 -31.84 1.22
C GLY A 129 17.11 -32.52 0.49
N MET A 130 16.25 -31.75 -0.18
CA MET A 130 15.17 -32.29 -0.99
C MET A 130 15.45 -32.00 -2.47
N ASP A 131 14.78 -32.76 -3.32
CA ASP A 131 14.91 -32.59 -4.77
C ASP A 131 13.87 -31.56 -5.22
N VAL A 132 14.33 -30.38 -5.62
CA VAL A 132 13.47 -29.26 -5.97
C VAL A 132 13.63 -28.96 -7.46
N THR A 133 12.51 -28.75 -8.14
CA THR A 133 12.52 -28.29 -9.52
C THR A 133 11.44 -27.22 -9.67
N LEU A 134 11.83 -26.08 -10.24
CA LEU A 134 10.93 -24.95 -10.43
C LEU A 134 10.47 -24.90 -11.88
N LEU A 135 9.16 -24.81 -12.08
CA LEU A 135 8.58 -24.64 -13.40
C LEU A 135 8.10 -23.20 -13.54
N GLU A 136 8.59 -22.50 -14.56
CA GLU A 136 8.26 -21.09 -14.76
C GLU A 136 7.93 -20.86 -16.23
N ALA A 137 6.80 -20.19 -16.48
CA ALA A 137 6.32 -19.99 -17.85
C ALA A 137 7.12 -18.92 -18.59
N ARG A 138 7.54 -17.86 -17.89
CA ARG A 138 8.27 -16.79 -18.54
C ARG A 138 9.65 -17.28 -18.97
N ASP A 139 10.37 -16.43 -19.70
CA ASP A 139 11.76 -16.67 -20.07
C ASP A 139 12.73 -16.03 -19.08
N ARG A 140 12.30 -15.86 -17.83
CA ARG A 140 13.09 -15.18 -16.81
C ARG A 140 12.53 -15.53 -15.44
N VAL A 141 13.36 -15.35 -14.41
CA VAL A 141 12.93 -15.49 -13.04
C VAL A 141 12.43 -14.14 -12.55
N GLY A 142 11.90 -14.10 -11.32
CA GLY A 142 11.48 -12.86 -10.69
C GLY A 142 9.98 -12.67 -10.62
N GLY A 143 9.25 -13.16 -11.62
CA GLY A 143 7.81 -12.96 -11.65
C GLY A 143 7.42 -11.51 -11.73
N ARG A 144 6.78 -10.99 -10.68
CA ARG A 144 6.35 -9.60 -10.64
C ARG A 144 7.45 -8.66 -10.19
N VAL A 145 8.64 -9.17 -9.90
CA VAL A 145 9.85 -8.36 -9.88
C VAL A 145 10.44 -8.43 -11.28
N ALA A 146 10.44 -7.29 -11.97
CA ALA A 146 10.85 -7.26 -13.37
C ALA A 146 11.58 -5.96 -13.65
N THR A 147 12.83 -6.06 -14.07
CA THR A 147 13.68 -4.89 -14.30
C THR A 147 14.08 -4.82 -15.77
N PHE A 148 13.71 -3.73 -16.42
CA PHE A 148 14.17 -3.40 -17.76
C PHE A 148 15.58 -2.83 -17.67
N ARG A 149 16.49 -3.42 -18.43
CA ARG A 149 17.90 -3.03 -18.41
C ARG A 149 18.42 -2.96 -19.83
N LYS A 150 18.86 -1.78 -20.26
CA LYS A 150 19.36 -1.60 -21.62
C LYS A 150 20.37 -0.45 -21.62
N GLY A 151 21.60 -0.76 -22.05
CA GLY A 151 22.65 0.24 -21.96
C GLY A 151 22.88 0.66 -20.53
N ASN A 152 22.97 1.97 -20.31
CA ASN A 152 23.08 2.50 -18.95
C ASN A 152 21.74 2.55 -18.23
N TYR A 153 20.64 2.23 -18.90
CA TYR A 153 19.31 2.41 -18.34
C TYR A 153 18.89 1.20 -17.51
N VAL A 154 18.40 1.47 -16.30
CA VAL A 154 17.88 0.47 -15.37
C VAL A 154 16.56 1.00 -14.81
N ALA A 155 15.49 0.22 -14.92
CA ALA A 155 14.18 0.70 -14.46
C ALA A 155 13.29 -0.48 -14.11
N ASP A 156 12.68 -0.44 -12.93
CA ASP A 156 11.84 -1.53 -12.47
C ASP A 156 10.42 -1.38 -13.02
N LEU A 157 9.86 -2.49 -13.51
CA LEU A 157 8.49 -2.52 -14.03
C LEU A 157 7.51 -3.21 -13.08
N GLY A 158 8.00 -3.97 -12.12
CA GLY A 158 7.15 -4.49 -11.07
C GLY A 158 7.43 -3.80 -9.76
N ALA A 159 7.78 -4.58 -8.75
CA ALA A 159 8.15 -4.01 -7.46
C ALA A 159 9.35 -3.08 -7.62
N MET A 160 9.36 -2.01 -6.83
CA MET A 160 10.46 -1.06 -6.87
C MET A 160 10.79 -0.45 -5.51
N VAL A 161 10.04 -0.76 -4.46
CA VAL A 161 10.24 -0.14 -3.16
C VAL A 161 10.45 -1.22 -2.11
N VAL A 162 11.46 -1.02 -1.26
CA VAL A 162 11.57 -1.71 0.02
C VAL A 162 11.00 -0.79 1.08
N THR A 163 10.13 -1.32 1.94
CA THR A 163 9.29 -0.52 2.82
C THR A 163 9.84 -0.56 4.24
N GLY A 164 11.00 0.06 4.45
CA GLY A 164 11.59 0.14 5.75
C GLY A 164 12.23 -1.16 6.20
N LEU A 165 13.47 -1.10 6.69
CA LEU A 165 14.25 -2.29 6.96
C LEU A 165 14.05 -2.85 8.37
N GLY A 166 13.50 -2.06 9.30
CA GLY A 166 13.29 -2.54 10.65
C GLY A 166 12.29 -3.67 10.74
N GLY A 167 12.78 -4.90 10.90
CA GLY A 167 11.94 -6.07 10.87
C GLY A 167 11.76 -6.69 9.50
N ASN A 168 12.26 -6.03 8.45
CA ASN A 168 12.07 -6.49 7.07
C ASN A 168 13.10 -7.56 6.74
N PRO A 169 12.68 -8.75 6.28
CA PRO A 169 13.67 -9.73 5.80
C PRO A 169 14.51 -9.20 4.65
N MET A 170 13.98 -8.29 3.83
CA MET A 170 14.74 -7.76 2.70
C MET A 170 16.07 -7.18 3.14
N ALA A 171 16.12 -6.56 4.32
CA ALA A 171 17.38 -6.12 4.91
C ALA A 171 18.45 -7.19 4.72
N VAL A 172 18.22 -8.37 5.33
CA VAL A 172 19.14 -9.50 5.15
C VAL A 172 19.46 -9.69 3.68
N VAL A 173 18.41 -9.87 2.87
CA VAL A 173 18.61 -10.16 1.46
C VAL A 173 19.43 -9.07 0.80
N SER A 174 19.15 -7.81 1.14
CA SER A 174 19.97 -6.71 0.62
C SER A 174 21.44 -6.97 0.91
N LYS A 175 21.78 -7.15 2.18
CA LYS A 175 23.16 -7.45 2.56
C LYS A 175 23.69 -8.66 1.80
N GLN A 176 22.84 -9.66 1.58
CA GLN A 176 23.31 -10.86 0.88
C GLN A 176 23.53 -10.58 -0.60
N VAL A 177 22.64 -9.78 -1.22
CA VAL A 177 22.69 -9.57 -2.67
C VAL A 177 23.51 -8.34 -3.05
N ASN A 178 23.87 -7.50 -2.08
CA ASN A 178 24.50 -6.20 -2.34
C ASN A 178 23.54 -5.32 -3.15
N MET A 179 22.30 -5.25 -2.69
CA MET A 179 21.34 -4.32 -3.25
C MET A 179 21.80 -2.89 -2.99
N GLU A 180 21.67 -2.05 -3.99
CA GLU A 180 21.92 -0.62 -3.86
C GLU A 180 20.58 0.06 -3.58
N LEU A 181 20.29 0.28 -2.29
CA LEU A 181 19.06 0.93 -1.87
C LEU A 181 19.31 2.42 -1.66
N ALA A 182 18.26 3.20 -1.91
CA ALA A 182 18.32 4.65 -1.74
C ALA A 182 17.00 5.14 -1.17
N LYS A 183 17.06 5.81 -0.02
CA LYS A 183 15.84 6.28 0.62
C LYS A 183 15.19 7.40 -0.21
N ILE A 184 13.88 7.54 -0.06
CA ILE A 184 13.06 8.36 -0.94
C ILE A 184 12.82 9.70 -0.27
N LYS A 185 13.28 10.77 -0.92
CA LYS A 185 12.97 12.11 -0.45
C LYS A 185 11.47 12.34 -0.47
N GLN A 186 10.88 12.59 0.70
CA GLN A 186 9.44 12.80 0.78
C GLN A 186 9.13 14.29 0.55
N LYS A 187 9.33 14.70 -0.69
CA LYS A 187 8.94 16.02 -1.17
C LYS A 187 8.35 15.83 -2.56
N CYS A 188 7.05 16.08 -2.70
CA CYS A 188 6.32 15.75 -3.93
C CYS A 188 5.47 16.94 -4.36
N PRO A 189 6.04 17.86 -5.13
CA PRO A 189 5.27 19.03 -5.59
C PRO A 189 4.22 18.62 -6.60
N LEU A 190 2.98 19.06 -6.37
CA LEU A 190 1.88 18.79 -7.28
C LEU A 190 1.81 19.87 -8.35
N TYR A 191 1.55 19.44 -9.58
CA TYR A 191 1.38 20.35 -10.71
C TYR A 191 0.00 20.13 -11.32
N GLU A 192 -0.73 21.23 -11.49
CA GLU A 192 -2.06 21.12 -12.06
C GLU A 192 -1.99 20.73 -13.53
N ALA A 193 -3.17 20.46 -14.11
CA ALA A 193 -3.23 20.00 -15.49
C ALA A 193 -2.76 21.07 -16.46
N ASN A 194 -2.90 22.35 -16.09
CA ASN A 194 -2.34 23.41 -16.93
C ASN A 194 -0.82 23.39 -16.91
N GLY A 195 -0.23 22.94 -15.81
CA GLY A 195 1.21 22.87 -15.67
C GLY A 195 1.78 23.71 -14.54
N GLN A 196 1.01 24.63 -13.98
CA GLN A 196 1.48 25.44 -12.87
C GLN A 196 1.43 24.62 -11.58
N ALA A 197 2.43 24.83 -10.73
CA ALA A 197 2.48 24.13 -9.45
C ALA A 197 1.30 24.53 -8.57
N VAL A 198 0.97 23.66 -7.63
CA VAL A 198 0.03 23.98 -6.57
C VAL A 198 0.80 24.73 -5.50
N PRO A 199 0.40 25.96 -5.17
CA PRO A 199 1.06 26.66 -4.05
C PRO A 199 0.89 25.88 -2.76
N LYS A 200 1.83 26.07 -1.84
CA LYS A 200 1.92 25.17 -0.69
C LYS A 200 0.80 25.38 0.32
N GLU A 201 0.20 26.58 0.38
CA GLU A 201 -0.99 26.76 1.20
C GLU A 201 -2.08 25.78 0.78
N LYS A 202 -2.34 25.71 -0.52
CA LYS A 202 -3.40 24.85 -1.04
C LYS A 202 -3.01 23.38 -0.93
N ASP A 203 -1.78 23.05 -1.30
CA ASP A 203 -1.29 21.68 -1.16
C ASP A 203 -1.47 21.17 0.26
N GLU A 204 -1.01 21.97 1.23
CA GLU A 204 -1.09 21.56 2.63
C GLU A 204 -2.55 21.48 3.10
N MET A 205 -3.39 22.45 2.72
CA MET A 205 -4.79 22.40 3.10
C MET A 205 -5.46 21.13 2.60
N VAL A 206 -5.28 20.82 1.32
CA VAL A 206 -5.95 19.66 0.75
C VAL A 206 -5.40 18.36 1.31
N GLU A 207 -4.10 18.31 1.62
CA GLU A 207 -3.56 17.11 2.26
C GLU A 207 -4.16 16.91 3.65
N GLN A 208 -4.24 17.99 4.43
CA GLN A 208 -4.87 17.93 5.73
C GLN A 208 -6.32 17.46 5.63
N GLU A 209 -7.05 17.98 4.65
CA GLU A 209 -8.45 17.59 4.47
C GLU A 209 -8.56 16.12 4.07
N PHE A 210 -7.66 15.64 3.21
CA PHE A 210 -7.66 14.24 2.81
C PHE A 210 -7.45 13.32 4.01
N ASN A 211 -6.47 13.66 4.86
CA ASN A 211 -6.23 12.85 6.05
C ASN A 211 -7.43 12.88 6.99
N ARG A 212 -8.06 14.06 7.17
CA ARG A 212 -9.25 14.12 8.01
C ARG A 212 -10.36 13.23 7.46
N LEU A 213 -10.57 13.25 6.15
CA LEU A 213 -11.60 12.40 5.55
C LEU A 213 -11.32 10.92 5.78
N LEU A 214 -10.06 10.51 5.58
CA LEU A 214 -9.72 9.09 5.76
C LEU A 214 -9.92 8.65 7.20
N GLU A 215 -9.46 9.45 8.16
CA GLU A 215 -9.72 9.17 9.57
C GLU A 215 -11.21 9.10 9.85
N ALA A 216 -12.00 9.93 9.16
CA ALA A 216 -13.44 9.91 9.36
C ALA A 216 -14.04 8.58 8.91
N THR A 217 -13.58 8.06 7.77
CA THR A 217 -14.08 6.75 7.34
C THR A 217 -13.68 5.67 8.33
N SER A 218 -12.47 5.75 8.89
CA SER A 218 -12.07 4.79 9.92
C SER A 218 -12.99 4.86 11.14
N TYR A 219 -13.31 6.07 11.59
CA TYR A 219 -14.22 6.23 12.73
C TYR A 219 -15.60 5.66 12.41
N LEU A 220 -16.07 5.86 11.18
CA LEU A 220 -17.33 5.26 10.76
C LEU A 220 -17.27 3.74 10.84
N SER A 221 -16.14 3.16 10.45
CA SER A 221 -16.04 1.71 10.36
C SER A 221 -15.94 1.04 11.72
N HIS A 222 -15.10 1.57 12.62
CA HIS A 222 -14.76 0.79 13.81
C HIS A 222 -15.55 1.17 15.06
N GLN A 223 -15.81 2.46 15.29
CA GLN A 223 -16.60 2.80 16.46
C GLN A 223 -18.10 2.78 16.17
N LEU A 224 -18.50 3.28 15.01
CA LEU A 224 -19.90 3.28 14.63
C LEU A 224 -20.33 2.02 13.88
N ASP A 225 -19.39 1.15 13.51
CA ASP A 225 -19.67 -0.10 12.79
C ASP A 225 -20.65 0.21 11.65
N PHE A 226 -20.20 1.09 10.75
CA PHE A 226 -20.95 1.42 9.55
C PHE A 226 -20.38 0.56 8.43
N ASN A 227 -20.62 -0.74 8.56
CA ASN A 227 -19.87 -1.74 7.80
C ASN A 227 -20.69 -2.48 6.75
N VAL A 228 -21.98 -2.73 6.98
CA VAL A 228 -22.84 -3.32 5.98
C VAL A 228 -24.13 -2.52 5.93
N LEU A 229 -24.49 -2.04 4.73
CA LEU A 229 -25.65 -1.18 4.54
C LEU A 229 -26.48 -1.73 3.39
N ASN A 230 -27.77 -1.96 3.65
CA ASN A 230 -28.68 -2.52 2.66
C ASN A 230 -28.19 -3.87 2.15
N ASN A 231 -27.75 -4.72 3.09
CA ASN A 231 -27.28 -6.08 2.79
C ASN A 231 -26.17 -6.09 1.74
N LYS A 232 -25.24 -5.14 1.87
CA LYS A 232 -24.07 -5.07 1.01
C LYS A 232 -22.93 -4.50 1.85
N PRO A 233 -21.70 -4.98 1.68
CA PRO A 233 -20.58 -4.39 2.42
C PRO A 233 -20.21 -3.03 1.86
N VAL A 234 -19.86 -2.12 2.75
CA VAL A 234 -19.48 -0.78 2.35
C VAL A 234 -18.05 -0.78 1.84
N SER A 235 -17.84 -0.12 0.70
CA SER A 235 -16.49 0.08 0.21
C SER A 235 -15.90 1.35 0.80
N LEU A 236 -14.56 1.42 0.78
CA LEU A 236 -13.88 2.63 1.23
C LEU A 236 -14.35 3.85 0.44
N GLY A 237 -14.55 3.69 -0.88
CA GLY A 237 -15.02 4.81 -1.67
C GLY A 237 -16.40 5.28 -1.24
N GLN A 238 -17.29 4.32 -0.92
CA GLN A 238 -18.61 4.66 -0.40
C GLN A 238 -18.50 5.55 0.84
N ALA A 239 -17.73 5.10 1.83
CA ALA A 239 -17.59 5.85 3.07
C ALA A 239 -16.97 7.21 2.82
N LEU A 240 -16.02 7.29 1.88
CA LEU A 240 -15.44 8.58 1.54
C LEU A 240 -16.51 9.52 1.00
N GLU A 241 -17.37 9.03 0.10
CA GLU A 241 -18.43 9.87 -0.44
C GLU A 241 -19.40 10.29 0.66
N VAL A 242 -19.70 9.39 1.60
CA VAL A 242 -20.54 9.73 2.74
C VAL A 242 -19.92 10.89 3.53
N VAL A 243 -18.62 10.78 3.82
CA VAL A 243 -17.94 11.81 4.61
C VAL A 243 -17.97 13.15 3.88
N ILE A 244 -17.70 13.12 2.57
CA ILE A 244 -17.67 14.35 1.78
C ILE A 244 -19.05 15.02 1.76
N GLN A 245 -20.10 14.21 1.64
CA GLN A 245 -21.45 14.77 1.65
C GLN A 245 -21.79 15.38 3.01
N LEU A 246 -21.35 14.74 4.10
CA LEU A 246 -21.55 15.31 5.43
C LEU A 246 -20.89 16.69 5.53
N GLN A 247 -19.65 16.79 5.04
CA GLN A 247 -18.97 18.09 5.13
C GLN A 247 -19.63 19.14 4.24
N GLU A 248 -20.10 18.76 3.05
CA GLU A 248 -20.81 19.71 2.20
C GLU A 248 -22.10 20.19 2.87
N LYS A 249 -22.78 19.29 3.59
CA LYS A 249 -23.96 19.67 4.35
C LYS A 249 -23.61 20.68 5.43
N HIS A 250 -22.53 20.43 6.17
CA HIS A 250 -22.08 21.39 7.18
C HIS A 250 -21.82 22.76 6.55
N VAL A 251 -21.21 22.75 5.36
CA VAL A 251 -20.89 24.01 4.68
C VAL A 251 -22.16 24.80 4.39
N LYS A 252 -23.14 24.17 3.72
CA LYS A 252 -24.34 24.92 3.38
C LYS A 252 -25.16 25.27 4.62
N ASP A 253 -25.05 24.49 5.70
CA ASP A 253 -25.75 24.83 6.93
C ASP A 253 -25.17 26.10 7.56
N GLU A 254 -23.85 26.19 7.68
CA GLU A 254 -23.26 27.42 8.20
C GLU A 254 -23.55 28.60 7.29
N GLN A 255 -23.56 28.36 5.97
CA GLN A 255 -23.96 29.38 5.02
C GLN A 255 -25.37 29.91 5.32
N ILE A 256 -26.31 28.99 5.53
CA ILE A 256 -27.70 29.39 5.75
C ILE A 256 -27.84 30.14 7.07
N GLU A 257 -27.11 29.71 8.10
CA GLU A 257 -27.16 30.42 9.38
C GLU A 257 -26.64 31.84 9.24
N HIS A 258 -25.53 32.01 8.52
CA HIS A 258 -25.02 33.35 8.26
C HIS A 258 -26.03 34.19 7.48
N TRP A 259 -26.65 33.58 6.46
CA TRP A 259 -27.68 34.27 5.69
C TRP A 259 -28.79 34.79 6.60
N LYS A 260 -29.23 33.95 7.54
CA LYS A 260 -30.34 34.34 8.41
C LYS A 260 -29.94 35.46 9.37
N LYS A 261 -28.72 35.40 9.91
CA LYS A 261 -28.22 36.52 10.71
C LYS A 261 -28.28 37.82 9.90
N ILE A 262 -27.76 37.78 8.66
CA ILE A 262 -27.75 38.97 7.81
C ILE A 262 -29.17 39.49 7.61
N VAL A 263 -30.11 38.59 7.30
CA VAL A 263 -31.47 39.03 6.98
C VAL A 263 -32.15 39.66 8.20
N LYS A 264 -31.94 39.07 9.39
CA LYS A 264 -32.57 39.65 10.57
C LYS A 264 -32.00 41.02 10.89
N THR A 265 -30.68 41.21 10.74
CA THR A 265 -30.16 42.56 10.98
C THR A 265 -30.64 43.54 9.90
N GLN A 266 -30.82 43.09 8.66
CA GLN A 266 -31.39 43.95 7.64
C GLN A 266 -32.81 44.39 8.02
N GLU A 267 -33.62 43.46 8.53
CA GLU A 267 -34.98 43.82 8.94
C GLU A 267 -34.98 44.78 10.13
N GLU A 268 -34.07 44.54 11.09
CA GLU A 268 -33.91 45.48 12.20
C GLU A 268 -33.58 46.88 11.68
N LEU A 269 -32.63 46.96 10.73
CA LEU A 269 -32.25 48.25 10.15
C LEU A 269 -33.43 48.91 9.46
N LYS A 270 -34.23 48.12 8.75
CA LYS A 270 -35.37 48.68 8.02
C LYS A 270 -36.40 49.27 8.97
N GLU A 271 -36.71 48.55 10.05
CA GLU A 271 -37.69 49.08 10.98
C GLU A 271 -37.14 50.27 11.76
N LEU A 272 -35.82 50.32 11.97
CA LEU A 272 -35.23 51.50 12.59
C LEU A 272 -35.28 52.71 11.65
N LEU A 273 -34.99 52.52 10.36
CA LEU A 273 -35.19 53.61 9.39
C LEU A 273 -36.61 54.15 9.46
N ASN A 274 -37.59 53.25 9.56
CA ASN A 274 -38.98 53.66 9.55
C ASN A 274 -39.35 54.47 10.80
N LYS A 275 -39.01 53.93 11.99
CA LYS A 275 -39.20 54.65 13.23
C LYS A 275 -38.54 56.02 13.20
N MET A 276 -37.35 56.10 12.59
CA MET A 276 -36.63 57.36 12.48
C MET A 276 -37.36 58.35 11.58
N VAL A 277 -37.89 57.86 10.46
CA VAL A 277 -38.70 58.72 9.59
C VAL A 277 -39.85 59.31 10.37
N ASN A 278 -40.51 58.47 11.19
CA ASN A 278 -41.66 58.94 11.97
C ASN A 278 -41.25 60.02 12.96
N LEU A 279 -40.15 59.82 13.69
CA LEU A 279 -39.79 60.86 14.65
C LEU A 279 -39.19 62.10 13.98
N LYS A 280 -38.58 61.95 12.81
CA LYS A 280 -38.23 63.13 12.02
C LYS A 280 -39.47 63.92 11.67
N GLU A 281 -40.57 63.23 11.35
CA GLU A 281 -41.83 63.94 11.15
C GLU A 281 -42.29 64.63 12.43
N LYS A 282 -42.15 63.96 13.57
CA LYS A 282 -42.66 64.56 14.80
C LYS A 282 -41.87 65.80 15.20
N ILE A 283 -40.56 65.82 14.94
CA ILE A 283 -39.79 67.03 15.22
C ILE A 283 -40.04 68.08 14.15
N LYS A 284 -40.15 67.66 12.89
CA LYS A 284 -40.69 68.50 11.81
C LYS A 284 -41.97 69.22 12.25
N GLU A 285 -42.90 68.46 12.82
CA GLU A 285 -44.12 69.02 13.42
C GLU A 285 -43.76 70.08 14.44
N LEU A 286 -43.22 69.64 15.59
CA LEU A 286 -43.03 70.51 16.74
C LEU A 286 -42.16 71.72 16.45
N HIS A 287 -41.38 71.71 15.36
CA HIS A 287 -40.53 72.85 15.04
C HIS A 287 -41.35 74.08 14.62
N GLN A 288 -42.44 73.87 13.89
CA GLN A 288 -43.31 74.97 13.50
C GLN A 288 -44.03 75.60 14.67
N GLN A 289 -43.77 75.14 15.91
CA GLN A 289 -44.36 75.75 17.09
C GLN A 289 -43.29 76.51 17.86
N THR A 303 -47.44 84.68 29.62
CA THR A 303 -47.44 83.21 29.67
C THR A 303 -47.16 82.62 28.28
N ALA A 304 -47.20 83.47 27.25
CA ALA A 304 -46.78 83.04 25.93
C ALA A 304 -45.28 82.73 25.91
N GLU A 305 -44.49 83.51 26.64
CA GLU A 305 -43.08 83.18 26.81
C GLU A 305 -42.91 81.85 27.55
N PHE A 306 -43.76 81.58 28.54
CA PHE A 306 -43.76 80.27 29.20
C PHE A 306 -44.04 79.15 28.21
N LEU A 307 -45.00 79.36 27.32
CA LEU A 307 -45.33 78.30 26.37
C LEU A 307 -44.19 78.05 25.39
N VAL A 308 -43.51 79.11 24.92
CA VAL A 308 -42.38 78.87 24.03
C VAL A 308 -41.22 78.23 24.79
N LYS A 309 -41.04 78.58 26.07
CA LYS A 309 -40.08 77.85 26.90
C LYS A 309 -40.36 76.36 26.89
N SER A 310 -41.62 75.98 27.09
CA SER A 310 -41.97 74.56 27.21
C SER A 310 -41.90 73.84 25.86
N LYS A 311 -42.24 74.54 24.76
CA LYS A 311 -42.08 73.93 23.44
C LYS A 311 -40.61 73.75 23.07
N HIS A 312 -39.74 74.70 23.41
CA HIS A 312 -38.31 74.46 23.23
C HIS A 312 -37.84 73.28 24.09
N ARG A 313 -38.32 73.20 25.33
CA ARG A 313 -38.08 72.06 26.20
C ARG A 313 -38.33 70.74 25.49
N ASP A 314 -39.53 70.56 24.97
CA ASP A 314 -39.85 69.24 24.44
C ASP A 314 -39.23 68.99 23.06
N LEU A 315 -38.87 70.04 22.30
CA LEU A 315 -38.08 69.78 21.11
C LEU A 315 -36.66 69.34 21.47
N THR A 316 -36.06 69.92 22.51
CA THR A 316 -34.81 69.38 23.03
C THR A 316 -34.93 67.90 23.33
N ALA A 317 -36.01 67.53 24.03
CA ALA A 317 -36.25 66.14 24.37
C ALA A 317 -36.29 65.24 23.13
N LEU A 318 -37.13 65.60 22.15
CA LEU A 318 -37.27 64.77 20.96
C LEU A 318 -35.96 64.70 20.16
N CYS A 319 -35.17 65.77 20.16
CA CYS A 319 -33.91 65.73 19.41
C CYS A 319 -32.88 64.82 20.07
N LYS A 320 -32.80 64.84 21.40
CA LYS A 320 -31.88 63.91 22.07
C LYS A 320 -32.35 62.46 21.90
N GLU A 321 -33.67 62.25 21.80
CA GLU A 321 -34.17 60.91 21.50
C GLU A 321 -33.74 60.46 20.09
N TYR A 322 -33.89 61.34 19.10
CA TYR A 322 -33.39 61.02 17.76
C TYR A 322 -31.88 60.76 17.78
N ASP A 323 -31.14 61.45 18.65
CA ASP A 323 -29.71 61.20 18.77
C ASP A 323 -29.42 59.78 19.24
N GLU A 324 -30.14 59.34 20.29
CA GLU A 324 -30.10 57.94 20.70
C GLU A 324 -30.30 57.01 19.51
N LEU A 325 -31.36 57.27 18.74
CA LEU A 325 -31.67 56.40 17.62
C LEU A 325 -30.58 56.43 16.56
N ALA A 326 -29.93 57.57 16.35
CA ALA A 326 -28.87 57.68 15.34
C ALA A 326 -27.65 56.87 15.76
N GLU A 327 -27.28 56.96 17.04
CA GLU A 327 -26.21 56.11 17.56
C GLU A 327 -26.52 54.64 17.31
N THR A 328 -27.76 54.22 17.61
CA THR A 328 -28.11 52.82 17.42
C THR A 328 -28.10 52.43 15.94
N GLN A 329 -28.57 53.34 15.08
CA GLN A 329 -28.52 53.10 13.64
C GLN A 329 -27.10 52.82 13.18
N GLY A 330 -26.16 53.66 13.61
CA GLY A 330 -24.77 53.45 13.23
C GLY A 330 -24.19 52.15 13.76
N LYS A 331 -24.50 51.84 15.02
CA LYS A 331 -24.02 50.59 15.62
C LYS A 331 -24.47 49.38 14.82
N LEU A 332 -25.76 49.34 14.46
CA LEU A 332 -26.25 48.17 13.74
C LEU A 332 -25.84 48.19 12.27
N GLU A 333 -25.64 49.36 11.66
CA GLU A 333 -25.00 49.40 10.34
C GLU A 333 -23.62 48.77 10.36
N GLU A 334 -22.85 49.03 11.43
CA GLU A 334 -21.51 48.46 11.48
C GLU A 334 -21.54 46.95 11.78
N LYS A 335 -22.50 46.49 12.59
CA LYS A 335 -22.67 45.04 12.72
C LYS A 335 -23.05 44.39 11.39
N LEU A 336 -23.92 45.06 10.61
CA LEU A 336 -24.26 44.59 9.28
C LEU A 336 -23.02 44.50 8.38
N GLN A 337 -22.19 45.54 8.40
CA GLN A 337 -20.98 45.54 7.58
C GLN A 337 -20.03 44.42 7.99
N GLU A 338 -19.86 44.22 9.29
CA GLU A 338 -19.03 43.13 9.79
C GLU A 338 -19.48 41.79 9.21
N LEU A 339 -20.79 41.54 9.24
CA LEU A 339 -21.24 40.24 8.73
C LEU A 339 -21.30 40.19 7.21
N GLU A 340 -21.41 41.34 6.53
CA GLU A 340 -21.27 41.35 5.07
C GLU A 340 -19.84 41.03 4.67
N ALA A 341 -18.87 41.35 5.53
CA ALA A 341 -17.46 41.17 5.18
C ALA A 341 -16.83 39.92 5.79
N ASN A 342 -17.50 39.21 6.69
CA ASN A 342 -16.98 37.97 7.26
C ASN A 342 -17.87 36.75 6.99
N PRO A 343 -18.12 36.41 5.72
CA PRO A 343 -18.95 35.24 5.43
C PRO A 343 -18.13 33.97 5.46
N PRO A 344 -18.76 32.81 5.72
CA PRO A 344 -18.03 31.54 5.63
C PRO A 344 -18.02 30.99 4.22
N SER A 345 -17.38 29.82 4.04
CA SER A 345 -17.13 29.27 2.72
C SER A 345 -18.42 29.03 1.94
N ASP A 346 -18.40 29.38 0.66
CA ASP A 346 -19.56 29.14 -0.19
C ASP A 346 -19.66 27.68 -0.59
N VAL A 347 -18.52 27.03 -0.80
CA VAL A 347 -18.48 25.59 -1.12
C VAL A 347 -17.39 24.94 -0.27
N TYR A 348 -17.51 23.62 -0.15
CA TYR A 348 -16.51 22.85 0.61
C TYR A 348 -15.24 22.64 -0.20
N LEU A 349 -15.38 22.42 -1.51
CA LEU A 349 -14.22 22.20 -2.38
C LEU A 349 -14.53 22.79 -3.74
N SER A 350 -13.73 23.77 -4.17
CA SER A 350 -13.82 24.28 -5.53
C SER A 350 -13.39 23.20 -6.52
N SER A 351 -13.44 23.51 -7.82
CA SER A 351 -13.05 22.52 -8.81
C SER A 351 -11.60 22.11 -8.66
N ARG A 352 -10.70 23.10 -8.49
CA ARG A 352 -9.28 22.79 -8.33
C ARG A 352 -9.01 22.11 -7.00
N ASP A 353 -9.70 22.54 -5.93
CA ASP A 353 -9.65 21.83 -4.65
C ASP A 353 -9.94 20.35 -4.83
N ARG A 354 -11.04 20.06 -5.52
CA ARG A 354 -11.46 18.67 -5.70
C ARG A 354 -10.50 17.90 -6.59
N GLN A 355 -9.90 18.57 -7.58
CA GLN A 355 -8.93 17.89 -8.42
C GLN A 355 -7.69 17.49 -7.63
N ILE A 356 -7.22 18.36 -6.74
CA ILE A 356 -6.07 18.01 -5.90
C ILE A 356 -6.43 16.89 -4.91
N LEU A 357 -7.66 16.93 -4.38
CA LEU A 357 -8.12 15.84 -3.53
C LEU A 357 -8.17 14.53 -4.30
N ASP A 358 -8.59 14.59 -5.57
CA ASP A 358 -8.61 13.40 -6.41
C ASP A 358 -7.20 12.89 -6.67
N TRP A 359 -6.20 13.79 -6.73
CA TRP A 359 -4.83 13.32 -6.81
C TRP A 359 -4.46 12.48 -5.58
N HIS A 360 -4.82 12.97 -4.40
CA HIS A 360 -4.53 12.19 -3.20
C HIS A 360 -5.28 10.84 -3.21
N PHE A 361 -6.50 10.85 -3.72
CA PHE A 361 -7.26 9.60 -3.88
C PHE A 361 -6.58 8.66 -4.86
N ALA A 362 -6.02 9.21 -5.95
CA ALA A 362 -5.31 8.40 -6.91
C ALA A 362 -4.04 7.82 -6.32
N ASN A 363 -3.42 8.55 -5.38
CA ASN A 363 -2.29 7.98 -4.66
C ASN A 363 -2.71 6.78 -3.81
N LEU A 364 -3.85 6.91 -3.12
CA LEU A 364 -4.36 5.75 -2.38
C LEU A 364 -4.67 4.59 -3.30
N GLU A 365 -5.23 4.89 -4.48
CA GLU A 365 -5.55 3.83 -5.43
C GLU A 365 -4.30 3.17 -6.00
N PHE A 366 -3.23 3.96 -6.19
CA PHE A 366 -1.93 3.40 -6.52
C PHE A 366 -1.45 2.44 -5.43
N ALA A 367 -1.46 2.90 -4.18
CA ALA A 367 -0.96 2.10 -3.07
C ALA A 367 -1.69 0.76 -2.99
N ASN A 368 -3.00 0.79 -3.13
CA ASN A 368 -3.80 -0.44 -3.01
C ASN A 368 -4.03 -1.15 -4.34
N ALA A 369 -3.51 -0.61 -5.45
CA ALA A 369 -3.59 -1.23 -6.78
C ALA A 369 -5.02 -1.44 -7.25
N THR A 370 -5.98 -0.66 -6.76
CA THR A 370 -7.37 -0.88 -7.12
C THR A 370 -8.14 0.41 -6.89
N PRO A 371 -9.28 0.58 -7.58
CA PRO A 371 -10.14 1.72 -7.27
C PRO A 371 -10.69 1.64 -5.86
N LEU A 372 -10.87 2.80 -5.23
CA LEU A 372 -11.31 2.85 -3.84
C LEU A 372 -12.68 2.21 -3.66
N SER A 373 -13.53 2.24 -4.69
CA SER A 373 -14.87 1.69 -4.60
C SER A 373 -14.91 0.17 -4.48
N THR A 374 -13.75 -0.49 -4.48
CA THR A 374 -13.69 -1.95 -4.35
C THR A 374 -13.02 -2.42 -3.07
N LEU A 375 -12.42 -1.52 -2.29
CA LEU A 375 -11.74 -1.92 -1.07
C LEU A 375 -12.74 -2.11 0.07
N SER A 376 -12.51 -3.17 0.85
CA SER A 376 -13.30 -3.38 2.07
C SER A 376 -13.05 -2.24 3.04
N LEU A 377 -14.10 -1.48 3.34
CA LEU A 377 -13.95 -0.38 4.30
C LEU A 377 -13.40 -0.89 5.63
N LYS A 378 -13.89 -2.05 6.07
CA LYS A 378 -13.50 -2.57 7.38
C LYS A 378 -12.03 -3.01 7.39
N HIS A 379 -11.56 -3.62 6.31
CA HIS A 379 -10.32 -4.40 6.36
C HIS A 379 -9.28 -4.03 5.31
N TRP A 380 -9.42 -2.90 4.61
CA TRP A 380 -8.44 -2.60 3.55
C TRP A 380 -7.05 -2.39 4.11
N ASP A 381 -6.93 -1.93 5.35
CA ASP A 381 -5.64 -1.69 6.00
C ASP A 381 -5.45 -2.61 7.20
N GLN A 382 -5.97 -3.83 7.12
CA GLN A 382 -5.88 -4.77 8.24
C GLN A 382 -4.45 -5.18 8.57
N ASP A 383 -3.49 -4.87 7.69
CA ASP A 383 -2.09 -5.27 7.87
C ASP A 383 -1.21 -4.13 8.35
N ASP A 384 -1.78 -2.98 8.66
CA ASP A 384 -0.98 -1.80 8.96
C ASP A 384 -0.15 -1.98 10.23
N ASP A 385 -0.67 -2.75 11.20
CA ASP A 385 0.03 -2.95 12.45
C ASP A 385 1.39 -3.62 12.26
N PHE A 386 1.61 -4.25 11.10
CA PHE A 386 2.82 -5.01 10.86
C PHE A 386 3.82 -4.27 9.97
N GLU A 387 3.53 -3.02 9.60
CA GLU A 387 4.46 -2.27 8.77
C GLU A 387 5.78 -2.04 9.50
N PHE A 388 6.87 -2.10 8.75
CA PHE A 388 8.21 -1.97 9.31
C PHE A 388 8.54 -0.52 9.61
N THR A 389 9.62 -0.32 10.36
CA THR A 389 10.12 1.00 10.70
C THR A 389 11.23 1.41 9.75
N GLY A 390 11.47 2.71 9.69
CA GLY A 390 12.50 3.29 8.85
C GLY A 390 11.93 3.91 7.58
N SER A 391 12.79 4.69 6.92
CA SER A 391 12.40 5.31 5.66
C SER A 391 12.15 4.25 4.60
N HIS A 392 11.31 4.60 3.63
CA HIS A 392 11.14 3.77 2.44
C HIS A 392 12.26 4.04 1.46
N LEU A 393 12.62 3.02 0.70
CA LEU A 393 13.75 3.09 -0.22
C LEU A 393 13.38 2.47 -1.56
N THR A 394 14.08 2.93 -2.59
CA THR A 394 14.02 2.36 -3.92
C THR A 394 15.29 1.56 -4.20
N VAL A 395 15.19 0.71 -5.22
CA VAL A 395 16.29 -0.17 -5.62
C VAL A 395 16.97 0.48 -6.82
N ARG A 396 18.12 1.11 -6.59
CA ARG A 396 18.84 1.75 -7.68
C ARG A 396 19.50 0.72 -8.59
N ASN A 397 19.99 -0.38 -8.03
CA ASN A 397 20.58 -1.43 -8.85
C ASN A 397 19.54 -2.14 -9.70
N GLY A 398 18.26 -2.06 -9.32
CA GLY A 398 17.21 -2.79 -10.00
C GLY A 398 16.81 -4.01 -9.21
N TYR A 399 15.51 -4.13 -8.90
CA TYR A 399 15.04 -5.17 -8.01
C TYR A 399 15.33 -6.57 -8.54
N SER A 400 15.47 -6.73 -9.86
CA SER A 400 15.73 -8.05 -10.43
C SER A 400 16.98 -8.69 -9.88
N CYS A 401 17.89 -7.90 -9.29
CA CYS A 401 19.08 -8.46 -8.67
C CYS A 401 18.73 -9.49 -7.61
N VAL A 402 17.64 -9.27 -6.88
CA VAL A 402 17.28 -10.18 -5.79
C VAL A 402 16.88 -11.54 -6.35
N PRO A 403 15.85 -11.66 -7.21
CA PRO A 403 15.46 -13.01 -7.66
C PRO A 403 16.58 -13.74 -8.41
N VAL A 404 17.35 -13.06 -9.26
CA VAL A 404 18.37 -13.75 -10.07
C VAL A 404 19.51 -14.23 -9.18
N ALA A 405 19.84 -13.46 -8.14
CA ALA A 405 20.74 -13.96 -7.11
C ALA A 405 20.16 -15.19 -6.44
N LEU A 406 18.85 -15.17 -6.17
CA LEU A 406 18.22 -16.31 -5.52
C LEU A 406 18.20 -17.54 -6.41
N ALA A 407 18.22 -17.33 -7.73
CA ALA A 407 18.05 -18.42 -8.67
C ALA A 407 19.30 -19.28 -8.83
N GLU A 408 20.46 -18.77 -8.40
CA GLU A 408 21.73 -19.43 -8.69
C GLU A 408 21.79 -20.82 -8.06
N GLY A 409 22.05 -21.81 -8.89
CA GLY A 409 22.19 -23.17 -8.41
C GLY A 409 20.91 -23.95 -8.25
N LEU A 410 19.80 -23.45 -8.79
CA LEU A 410 18.51 -24.12 -8.70
C LEU A 410 18.15 -24.76 -10.03
N ASP A 411 17.35 -25.82 -9.96
CA ASP A 411 16.86 -26.53 -11.15
C ASP A 411 15.60 -25.82 -11.62
N ILE A 412 15.77 -24.84 -12.49
CA ILE A 412 14.69 -23.98 -12.96
C ILE A 412 14.56 -24.19 -14.47
N LYS A 413 13.44 -24.75 -14.90
CA LYS A 413 13.12 -24.87 -16.32
C LYS A 413 12.21 -23.70 -16.71
N LEU A 414 12.76 -22.77 -17.50
CA LEU A 414 11.99 -21.65 -18.02
C LEU A 414 11.13 -22.10 -19.20
N ASN A 415 10.28 -21.19 -19.67
CA ASN A 415 9.44 -21.42 -20.85
C ASN A 415 8.67 -22.74 -20.72
N THR A 416 8.16 -22.98 -19.51
CA THR A 416 7.49 -24.24 -19.16
C THR A 416 6.23 -23.87 -18.40
N ALA A 417 5.09 -23.82 -19.10
CA ALA A 417 3.84 -23.35 -18.55
C ALA A 417 3.03 -24.54 -18.03
N VAL A 418 2.79 -24.56 -16.72
CA VAL A 418 1.97 -25.59 -16.11
C VAL A 418 0.52 -25.40 -16.53
N ARG A 419 -0.14 -26.47 -16.96
CA ARG A 419 -1.54 -26.42 -17.34
C ARG A 419 -2.43 -27.39 -16.58
N GLN A 420 -1.86 -28.42 -15.94
CA GLN A 420 -2.64 -29.31 -15.10
C GLN A 420 -1.79 -29.78 -13.94
N VAL A 421 -2.37 -29.73 -12.74
CA VAL A 421 -1.76 -30.21 -11.51
C VAL A 421 -2.64 -31.31 -10.94
N ARG A 422 -2.02 -32.46 -10.69
CA ARG A 422 -2.71 -33.66 -10.22
C ARG A 422 -2.17 -34.03 -8.84
N TYR A 423 -3.05 -34.14 -7.85
CA TYR A 423 -2.63 -34.50 -6.50
C TYR A 423 -3.52 -35.61 -5.97
N THR A 424 -2.89 -36.67 -5.47
CA THR A 424 -3.61 -37.81 -4.92
C THR A 424 -2.86 -38.36 -3.72
N ALA A 425 -3.53 -39.25 -2.99
CA ALA A 425 -3.00 -39.83 -1.76
C ALA A 425 -1.71 -40.61 -1.97
N SER A 426 -1.34 -40.83 -3.23
CA SER A 426 -0.13 -41.58 -3.57
C SER A 426 0.99 -40.72 -4.13
N GLY A 427 0.67 -39.65 -4.85
CA GLY A 427 1.71 -38.83 -5.42
C GLY A 427 1.13 -37.65 -6.16
N CYS A 428 1.98 -36.99 -6.94
CA CYS A 428 1.57 -35.80 -7.68
C CYS A 428 2.11 -35.83 -9.10
N GLU A 429 1.27 -35.39 -10.05
CA GLU A 429 1.65 -35.15 -11.43
C GLU A 429 1.37 -33.70 -11.78
N VAL A 430 2.34 -33.03 -12.38
CA VAL A 430 2.10 -31.74 -13.01
C VAL A 430 2.46 -31.86 -14.48
N ILE A 431 1.60 -31.30 -15.32
CA ILE A 431 1.74 -31.37 -16.77
C ILE A 431 1.96 -29.96 -17.29
N ALA A 432 2.98 -29.79 -18.12
CA ALA A 432 3.35 -28.47 -18.61
C ALA A 432 3.59 -28.54 -20.11
N VAL A 433 3.51 -27.37 -20.75
CA VAL A 433 3.75 -27.25 -22.18
C VAL A 433 4.84 -26.21 -22.41
N ASN A 434 5.56 -26.35 -23.52
CA ASN A 434 6.62 -25.42 -23.87
C ASN A 434 6.00 -24.18 -24.48
N THR A 435 6.25 -23.01 -23.88
CA THR A 435 5.70 -21.79 -24.43
C THR A 435 6.26 -21.49 -25.82
N ARG A 436 7.43 -22.03 -26.16
CA ARG A 436 8.04 -21.73 -27.45
C ARG A 436 7.49 -22.64 -28.55
N SER A 437 7.15 -23.89 -28.24
CA SER A 437 6.50 -24.77 -29.21
C SER A 437 5.57 -25.73 -28.46
N THR A 438 4.43 -25.19 -28.02
CA THR A 438 3.28 -25.88 -27.46
C THR A 438 3.13 -27.35 -27.83
N SER A 439 3.59 -27.76 -29.02
CA SER A 439 3.56 -29.16 -29.42
C SER A 439 4.15 -30.05 -28.33
N GLN A 440 5.39 -29.77 -27.96
CA GLN A 440 6.09 -30.57 -26.96
C GLN A 440 5.45 -30.39 -25.58
N THR A 441 5.30 -31.50 -24.86
CA THR A 441 4.68 -31.52 -23.54
C THR A 441 5.58 -32.25 -22.57
N PHE A 442 5.59 -31.78 -21.32
CA PHE A 442 6.37 -32.37 -20.24
C PHE A 442 5.45 -32.83 -19.11
N ILE A 443 5.86 -33.91 -18.44
CA ILE A 443 5.12 -34.47 -17.31
C ILE A 443 6.10 -34.72 -16.18
N TYR A 444 5.84 -34.13 -15.02
CA TYR A 444 6.72 -34.25 -13.85
C TYR A 444 5.95 -34.93 -12.73
N LYS A 445 6.47 -36.05 -12.24
CA LYS A 445 5.96 -36.71 -11.06
C LYS A 445 6.76 -36.26 -9.85
N CYS A 446 6.10 -36.18 -8.69
CA CYS A 446 6.76 -35.69 -7.49
C CYS A 446 5.96 -36.08 -6.27
N ASP A 447 6.54 -35.81 -5.10
CA ASP A 447 5.90 -36.04 -3.81
C ASP A 447 5.03 -34.88 -3.36
N ALA A 448 5.40 -33.65 -3.69
CA ALA A 448 4.55 -32.52 -3.30
C ALA A 448 4.66 -31.40 -4.32
N VAL A 449 3.61 -30.60 -4.41
CA VAL A 449 3.54 -29.45 -5.31
C VAL A 449 3.33 -28.20 -4.48
N LEU A 450 4.19 -27.21 -4.69
CA LEU A 450 4.03 -25.89 -4.08
C LEU A 450 3.60 -24.92 -5.16
N CYS A 451 2.40 -24.34 -4.99
CA CYS A 451 1.78 -23.50 -5.99
C CYS A 451 1.91 -22.03 -5.59
N THR A 452 2.78 -21.30 -6.29
CA THR A 452 2.93 -19.86 -6.12
C THR A 452 2.32 -19.10 -7.30
N LEU A 453 1.30 -19.68 -7.92
CA LEU A 453 0.62 -19.00 -9.02
C LEU A 453 -0.05 -17.73 -8.52
N PRO A 454 0.03 -16.63 -9.27
CA PRO A 454 -0.64 -15.40 -8.84
C PRO A 454 -2.14 -15.60 -8.68
N LEU A 455 -2.71 -14.81 -7.76
CA LEU A 455 -4.15 -14.87 -7.52
C LEU A 455 -4.94 -14.52 -8.77
N GLY A 456 -4.39 -13.69 -9.65
CA GLY A 456 -5.04 -13.44 -10.93
C GLY A 456 -5.14 -14.69 -11.77
N VAL A 457 -4.04 -15.45 -11.87
CA VAL A 457 -4.06 -16.70 -12.62
C VAL A 457 -5.05 -17.67 -12.00
N LEU A 458 -5.02 -17.81 -10.67
CA LEU A 458 -5.99 -18.66 -10.00
C LEU A 458 -7.42 -18.16 -10.17
N LYS A 459 -7.60 -16.86 -10.43
CA LYS A 459 -8.94 -16.30 -10.57
C LYS A 459 -9.50 -16.52 -11.97
N GLN A 460 -8.63 -16.58 -12.98
CA GLN A 460 -9.00 -16.84 -14.37
C GLN A 460 -10.25 -17.71 -14.48
N GLN A 461 -11.38 -17.09 -14.83
CA GLN A 461 -12.65 -17.83 -14.89
C GLN A 461 -12.59 -19.01 -15.84
N PRO A 462 -12.06 -18.88 -17.07
CA PRO A 462 -11.65 -20.09 -17.80
C PRO A 462 -10.21 -20.44 -17.43
N PRO A 463 -10.04 -21.54 -16.69
CA PRO A 463 -8.78 -21.74 -15.97
C PRO A 463 -7.59 -21.93 -16.89
N ALA A 464 -6.49 -21.23 -16.57
CA ALA A 464 -5.22 -21.49 -17.21
C ALA A 464 -4.61 -22.80 -16.72
N VAL A 465 -4.86 -23.15 -15.46
CA VAL A 465 -4.31 -24.35 -14.84
C VAL A 465 -5.46 -25.11 -14.19
N GLN A 466 -5.57 -26.41 -14.49
CA GLN A 466 -6.64 -27.25 -13.99
C GLN A 466 -6.14 -28.14 -12.87
N PHE A 467 -6.94 -28.27 -11.82
CA PHE A 467 -6.57 -29.02 -10.62
C PHE A 467 -7.38 -30.31 -10.55
N VAL A 468 -6.70 -31.43 -10.31
CA VAL A 468 -7.35 -32.75 -10.34
C VAL A 468 -6.97 -33.52 -9.07
N PRO A 469 -7.92 -33.75 -8.14
CA PRO A 469 -9.31 -33.30 -8.21
C PRO A 469 -9.45 -31.79 -8.07
N PRO A 470 -10.58 -31.22 -8.50
CA PRO A 470 -10.78 -29.76 -8.36
C PRO A 470 -10.57 -29.27 -6.94
N LEU A 471 -10.23 -27.99 -6.79
CA LEU A 471 -9.97 -27.46 -5.47
C LEU A 471 -11.27 -27.34 -4.69
N PRO A 472 -11.23 -27.52 -3.36
CA PRO A 472 -12.45 -27.50 -2.56
C PRO A 472 -13.15 -26.14 -2.59
N GLU A 473 -14.37 -26.16 -2.04
CA GLU A 473 -15.25 -25.00 -2.11
C GLU A 473 -14.67 -23.83 -1.34
N TRP A 474 -14.11 -24.08 -0.15
CA TRP A 474 -13.58 -22.98 0.65
C TRP A 474 -12.45 -22.27 -0.08
N LYS A 475 -11.55 -23.05 -0.69
CA LYS A 475 -10.43 -22.46 -1.43
C LYS A 475 -10.92 -21.67 -2.64
N THR A 476 -11.83 -22.25 -3.43
CA THR A 476 -12.31 -21.52 -4.61
C THR A 476 -13.05 -20.25 -4.20
N SER A 477 -13.85 -20.33 -3.12
CA SER A 477 -14.58 -19.16 -2.63
C SER A 477 -13.63 -18.06 -2.20
N ALA A 478 -12.54 -18.43 -1.52
CA ALA A 478 -11.53 -17.44 -1.18
C ALA A 478 -10.93 -16.80 -2.43
N VAL A 479 -10.59 -17.64 -3.42
CA VAL A 479 -9.97 -17.14 -4.65
C VAL A 479 -10.86 -16.11 -5.32
N GLN A 480 -12.17 -16.34 -5.32
CA GLN A 480 -13.09 -15.40 -5.95
C GLN A 480 -13.42 -14.18 -5.07
N ARG A 481 -13.41 -14.33 -3.75
CA ARG A 481 -13.73 -13.19 -2.90
C ARG A 481 -12.60 -12.17 -2.89
N MET A 482 -11.37 -12.63 -2.72
CA MET A 482 -10.24 -11.70 -2.63
C MET A 482 -10.18 -10.82 -3.87
N GLY A 483 -9.55 -9.66 -3.72
CA GLY A 483 -9.37 -8.73 -4.82
C GLY A 483 -7.96 -8.86 -5.39
N PHE A 484 -7.86 -8.69 -6.70
CA PHE A 484 -6.56 -8.68 -7.38
C PHE A 484 -6.50 -7.45 -8.26
N GLY A 485 -5.72 -6.46 -7.82
CA GLY A 485 -5.72 -5.16 -8.45
C GLY A 485 -4.88 -5.08 -9.70
N ASN A 486 -4.58 -3.85 -10.10
CA ASN A 486 -3.77 -3.59 -11.27
C ASN A 486 -3.11 -2.22 -11.12
N LEU A 487 -1.90 -2.11 -11.64
CA LEU A 487 -1.10 -0.89 -11.57
C LEU A 487 -0.07 -0.96 -12.68
N ASN A 488 0.18 0.15 -13.36
CA ASN A 488 1.07 0.08 -14.50
C ASN A 488 2.06 1.23 -14.49
N LYS A 489 3.20 1.03 -15.15
CA LYS A 489 4.26 2.01 -15.20
C LYS A 489 4.65 2.29 -16.64
N VAL A 490 5.13 3.52 -16.86
CA VAL A 490 5.65 3.96 -18.15
C VAL A 490 7.05 4.50 -17.91
N VAL A 491 8.05 3.85 -18.49
CA VAL A 491 9.44 4.22 -18.35
C VAL A 491 9.86 5.08 -19.54
N LEU A 492 10.44 6.24 -19.24
CA LEU A 492 10.97 7.17 -20.22
C LEU A 492 12.44 7.39 -19.93
N CYS A 493 13.28 7.21 -20.95
CA CYS A 493 14.73 7.33 -20.83
C CYS A 493 15.19 8.39 -21.81
N PHE A 494 15.73 9.47 -21.26
CA PHE A 494 16.22 10.64 -21.99
C PHE A 494 17.74 10.67 -21.96
N ASP A 495 18.30 11.75 -22.51
CA ASP A 495 19.75 11.95 -22.51
C ASP A 495 20.21 13.05 -21.58
N ARG A 496 19.30 13.88 -21.07
CA ARG A 496 19.65 14.91 -20.10
C ARG A 496 18.54 15.04 -19.07
N VAL A 497 18.93 15.18 -17.81
CA VAL A 497 17.98 15.41 -16.74
C VAL A 497 17.50 16.86 -16.81
N PHE A 498 16.19 17.05 -16.99
CA PHE A 498 15.61 18.38 -17.10
C PHE A 498 14.65 18.68 -15.94
N TRP A 499 14.65 17.85 -14.90
CA TRP A 499 13.79 18.02 -13.75
C TRP A 499 14.62 18.34 -12.52
N ASP A 500 13.96 18.52 -11.40
CA ASP A 500 14.65 18.82 -10.15
C ASP A 500 15.26 17.55 -9.59
N PRO A 501 16.59 17.45 -9.51
CA PRO A 501 17.19 16.29 -8.82
C PRO A 501 16.93 16.30 -7.33
N SER A 502 16.60 17.45 -6.75
CA SER A 502 16.25 17.54 -5.33
C SER A 502 14.96 16.82 -4.97
N VAL A 503 14.20 16.33 -5.95
CA VAL A 503 12.90 15.73 -5.69
C VAL A 503 12.85 14.36 -6.37
N ASN A 504 12.42 13.35 -5.61
CA ASN A 504 12.26 12.00 -6.15
C ASN A 504 10.89 11.79 -6.79
N LEU A 505 9.93 12.66 -6.48
CA LEU A 505 8.55 12.46 -6.91
C LEU A 505 7.95 13.81 -7.29
N PHE A 506 7.11 13.81 -8.31
CA PHE A 506 6.23 14.95 -8.51
C PHE A 506 4.90 14.49 -9.13
N GLY A 507 3.83 15.12 -8.69
CA GLY A 507 2.49 14.72 -9.06
C GLY A 507 1.94 15.52 -10.22
N HIS A 508 1.07 14.88 -10.99
CA HIS A 508 0.28 15.52 -12.02
C HIS A 508 -1.18 15.42 -11.63
N VAL A 509 -1.83 16.57 -11.43
CA VAL A 509 -3.24 16.60 -11.06
C VAL A 509 -4.07 16.50 -12.33
N GLY A 510 -4.84 15.41 -12.46
CA GLY A 510 -5.70 15.23 -13.60
C GLY A 510 -6.91 16.12 -13.56
N SER A 511 -7.69 16.06 -14.64
CA SER A 511 -8.87 16.90 -14.78
C SER A 511 -10.10 16.32 -14.10
N THR A 512 -10.36 15.03 -14.28
CA THR A 512 -11.61 14.41 -13.87
C THR A 512 -11.40 13.36 -12.80
N THR A 513 -12.44 13.18 -11.97
CA THR A 513 -12.43 12.13 -10.96
C THR A 513 -12.25 10.76 -11.60
N ALA A 514 -12.85 10.55 -12.78
CA ALA A 514 -12.80 9.24 -13.41
C ALA A 514 -11.37 8.87 -13.79
N SER A 515 -10.57 9.84 -14.23
CA SER A 515 -9.21 9.57 -14.70
C SER A 515 -8.14 10.17 -13.79
N ARG A 516 -8.48 10.47 -12.53
CA ARG A 516 -7.50 10.93 -11.56
C ARG A 516 -6.21 10.12 -11.56
N GLY A 517 -6.28 8.84 -11.90
CA GLY A 517 -5.13 7.96 -11.86
C GLY A 517 -4.32 7.82 -13.13
N GLU A 518 -4.60 8.61 -14.17
CA GLU A 518 -3.84 8.54 -15.41
C GLU A 518 -2.60 9.42 -15.28
N LEU A 519 -1.43 8.78 -15.23
CA LEU A 519 -0.14 9.47 -15.22
C LEU A 519 -0.08 10.50 -14.10
N PHE A 520 -0.53 10.09 -12.92
CA PHE A 520 -0.67 11.02 -11.80
C PHE A 520 0.61 11.20 -10.98
N LEU A 521 1.58 10.30 -11.09
CA LEU A 521 2.78 10.38 -10.28
C LEU A 521 4.01 10.04 -11.11
N PHE A 522 5.05 10.86 -10.97
CA PHE A 522 6.32 10.63 -11.64
C PHE A 522 7.41 10.43 -10.60
N TRP A 523 8.27 9.43 -10.87
CA TRP A 523 9.40 9.06 -10.03
C TRP A 523 10.70 9.33 -10.78
N ASN A 524 11.67 9.86 -10.05
CA ASN A 524 13.06 10.03 -10.48
C ASN A 524 13.91 9.31 -9.43
N LEU A 525 14.28 8.06 -9.72
CA LEU A 525 14.96 7.22 -8.73
C LEU A 525 16.13 6.45 -9.32
N TYR A 526 16.69 6.90 -10.44
CA TYR A 526 17.72 6.13 -11.13
C TYR A 526 18.91 7.01 -11.50
N LYS A 527 20.06 6.35 -11.61
CA LYS A 527 21.30 7.05 -11.92
C LYS A 527 21.27 7.64 -13.33
N ALA A 528 20.78 6.88 -14.30
CA ALA A 528 20.58 7.39 -15.64
C ALA A 528 19.40 8.36 -15.63
N PRO A 529 19.26 9.20 -16.67
CA PRO A 529 18.08 10.09 -16.73
C PRO A 529 16.78 9.37 -17.12
N ILE A 530 16.16 8.73 -16.12
CA ILE A 530 14.95 7.94 -16.33
C ILE A 530 13.83 8.51 -15.48
N LEU A 531 12.68 8.74 -16.10
CA LEU A 531 11.46 9.17 -15.44
C LEU A 531 10.44 8.04 -15.52
N LEU A 532 9.72 7.80 -14.42
CA LEU A 532 8.83 6.63 -14.33
C LEU A 532 7.45 7.09 -13.90
N ALA A 533 6.45 6.91 -14.77
CA ALA A 533 5.11 7.46 -14.54
C ALA A 533 4.13 6.33 -14.20
N LEU A 534 3.29 6.57 -13.21
CA LEU A 534 2.35 5.55 -12.76
C LEU A 534 0.98 5.75 -13.40
N VAL A 535 0.27 4.63 -13.58
CA VAL A 535 -1.11 4.61 -14.02
C VAL A 535 -1.84 3.75 -12.99
N ALA A 536 -2.76 4.35 -12.24
CA ALA A 536 -3.39 3.74 -11.07
C ALA A 536 -4.88 3.55 -11.31
N GLY A 537 -5.58 3.20 -10.23
CA GLY A 537 -7.03 3.05 -10.23
C GLY A 537 -7.61 2.65 -11.57
N GLU A 538 -8.77 3.25 -11.88
CA GLU A 538 -9.56 2.86 -13.04
C GLU A 538 -8.79 3.03 -14.35
N ALA A 539 -7.87 3.99 -14.40
CA ALA A 539 -7.10 4.21 -15.62
C ALA A 539 -6.15 3.04 -15.91
N ALA A 540 -5.72 2.33 -14.87
CA ALA A 540 -4.67 1.33 -15.02
C ALA A 540 -5.06 0.26 -16.02
N GLY A 541 -6.26 -0.30 -15.89
CA GLY A 541 -6.70 -1.31 -16.84
C GLY A 541 -7.00 -0.74 -18.20
N ILE A 542 -7.81 0.32 -18.24
CA ILE A 542 -8.28 0.87 -19.51
C ILE A 542 -7.11 1.23 -20.41
N MET A 543 -6.17 2.03 -19.90
CA MET A 543 -5.06 2.46 -20.75
C MET A 543 -4.11 1.34 -21.14
N GLU A 544 -4.31 0.12 -20.67
CA GLU A 544 -3.56 -1.00 -21.26
C GLU A 544 -3.92 -1.18 -22.73
N ASN A 545 -5.06 -0.66 -23.15
CA ASN A 545 -5.54 -0.76 -24.52
C ASN A 545 -5.03 0.35 -25.42
N ILE A 546 -4.22 1.27 -24.91
CA ILE A 546 -3.65 2.35 -25.73
C ILE A 546 -2.24 1.96 -26.13
N SER A 547 -1.85 2.38 -27.33
CA SER A 547 -0.52 2.06 -27.82
C SER A 547 0.54 2.86 -27.06
N ASP A 548 1.77 2.32 -27.09
CA ASP A 548 2.89 2.92 -26.37
C ASP A 548 3.18 4.32 -26.88
N ASP A 549 3.12 4.53 -28.20
CA ASP A 549 3.41 5.84 -28.75
C ASP A 549 2.46 6.90 -28.20
N VAL A 550 1.17 6.55 -28.08
CA VAL A 550 0.19 7.53 -27.59
C VAL A 550 0.36 7.77 -26.09
N ILE A 551 0.61 6.71 -25.30
CA ILE A 551 0.80 6.93 -23.87
C ILE A 551 2.05 7.78 -23.63
N VAL A 552 3.09 7.57 -24.43
CA VAL A 552 4.30 8.37 -24.30
C VAL A 552 4.04 9.80 -24.75
N GLY A 553 3.21 9.99 -25.78
CA GLY A 553 2.84 11.35 -26.16
C GLY A 553 2.13 12.09 -25.05
N ARG A 554 1.26 11.39 -24.32
CA ARG A 554 0.55 12.05 -23.22
C ARG A 554 1.49 12.36 -22.05
N CYS A 555 2.40 11.42 -21.74
CA CYS A 555 3.46 11.71 -20.77
C CYS A 555 4.25 12.95 -21.16
N LEU A 556 4.66 13.02 -22.44
CA LEU A 556 5.46 14.13 -22.92
C LEU A 556 4.68 15.43 -22.86
N ALA A 557 3.38 15.37 -23.12
CA ALA A 557 2.55 16.58 -23.03
C ALA A 557 2.49 17.10 -21.61
N ILE A 558 2.28 16.21 -20.64
CA ILE A 558 2.27 16.62 -19.23
C ILE A 558 3.61 17.25 -18.85
N LEU A 559 4.71 16.58 -19.24
CA LEU A 559 6.03 17.09 -18.87
C LEU A 559 6.35 18.41 -19.56
N LYS A 560 5.86 18.60 -20.78
CA LYS A 560 6.03 19.88 -21.47
C LYS A 560 5.27 20.97 -20.73
N GLY A 561 4.01 20.72 -20.38
CA GLY A 561 3.27 21.68 -19.58
C GLY A 561 3.97 22.04 -18.28
N ILE A 562 4.70 21.08 -17.70
CA ILE A 562 5.38 21.36 -16.44
C ILE A 562 6.68 22.13 -16.65
N PHE A 563 7.45 21.81 -17.69
CA PHE A 563 8.84 22.28 -17.77
C PHE A 563 9.15 23.22 -18.93
N GLY A 564 8.29 23.35 -19.94
CA GLY A 564 8.65 24.08 -21.15
C GLY A 564 8.72 23.10 -22.30
N SER A 565 7.96 23.40 -23.37
CA SER A 565 7.93 22.52 -24.52
C SER A 565 9.31 22.32 -25.12
N SER A 566 10.17 23.34 -25.04
CA SER A 566 11.54 23.22 -25.51
C SER A 566 12.41 22.43 -24.54
N ALA A 567 12.04 22.41 -23.26
CA ALA A 567 12.94 21.88 -22.23
C ALA A 567 12.99 20.37 -22.21
N VAL A 568 11.96 19.68 -22.70
CA VAL A 568 11.94 18.23 -22.59
C VAL A 568 12.19 17.65 -23.99
N PRO A 569 13.20 16.81 -24.16
CA PRO A 569 13.47 16.24 -25.49
C PRO A 569 12.58 15.05 -25.75
N GLN A 570 12.68 14.55 -26.98
CA GLN A 570 12.04 13.28 -27.31
C GLN A 570 12.82 12.14 -26.64
N PRO A 571 12.14 11.18 -26.03
CA PRO A 571 12.86 10.16 -25.25
C PRO A 571 13.63 9.21 -26.14
N LYS A 572 14.79 8.77 -25.65
CA LYS A 572 15.57 7.79 -26.39
C LYS A 572 14.99 6.39 -26.23
N GLU A 573 14.48 6.04 -25.04
CA GLU A 573 13.95 4.70 -24.84
C GLU A 573 12.67 4.76 -24.00
N THR A 574 11.73 3.85 -24.29
CA THR A 574 10.47 3.81 -23.56
C THR A 574 10.05 2.36 -23.34
N VAL A 575 9.36 2.12 -22.23
CA VAL A 575 8.79 0.79 -21.93
C VAL A 575 7.48 0.98 -21.19
N VAL A 576 6.46 0.21 -21.57
CA VAL A 576 5.15 0.31 -20.94
C VAL A 576 4.73 -1.07 -20.44
N SER A 577 4.43 -1.16 -19.14
CA SER A 577 3.90 -2.38 -18.57
C SER A 577 2.40 -2.49 -18.82
N ARG A 578 1.93 -3.74 -18.94
CA ARG A 578 0.51 -4.06 -19.11
C ARG A 578 0.25 -5.32 -18.30
N TRP A 579 0.16 -5.14 -16.98
CA TRP A 579 0.21 -6.28 -16.06
C TRP A 579 -1.09 -7.07 -16.06
N ARG A 580 -2.22 -6.40 -16.23
CA ARG A 580 -3.51 -7.12 -16.26
C ARG A 580 -3.59 -8.02 -17.48
N ALA A 581 -3.06 -7.58 -18.62
CA ALA A 581 -3.07 -8.40 -19.82
C ALA A 581 -1.94 -9.43 -19.84
N ASP A 582 -0.87 -9.21 -19.07
CA ASP A 582 0.16 -10.22 -18.89
C ASP A 582 -0.48 -11.52 -18.41
N PRO A 583 -0.43 -12.60 -19.19
CA PRO A 583 -1.15 -13.83 -18.81
C PRO A 583 -0.53 -14.58 -17.64
N TRP A 584 0.70 -14.25 -17.25
CA TRP A 584 1.35 -14.90 -16.12
C TRP A 584 1.17 -14.11 -14.82
N ALA A 585 0.37 -13.05 -14.83
CA ALA A 585 0.13 -12.26 -13.64
C ALA A 585 -1.34 -11.88 -13.55
N ARG A 586 -1.84 -11.18 -14.58
CA ARG A 586 -3.22 -10.71 -14.64
C ARG A 586 -3.51 -9.69 -13.54
N GLY A 587 -2.61 -8.74 -13.38
CA GLY A 587 -2.75 -7.70 -12.40
C GLY A 587 -1.47 -7.50 -11.62
N SER A 588 -1.52 -6.52 -10.72
CA SER A 588 -0.35 -6.13 -9.95
C SER A 588 -0.23 -6.96 -8.66
N TYR A 589 -1.18 -6.81 -7.75
CA TYR A 589 -1.16 -7.56 -6.50
C TYR A 589 -2.56 -7.60 -5.91
N SER A 590 -2.70 -8.39 -4.86
CA SER A 590 -3.98 -8.55 -4.20
C SER A 590 -4.35 -7.31 -3.39
N TYR A 591 -5.62 -7.26 -3.02
CA TYR A 591 -6.13 -6.29 -2.06
C TYR A 591 -7.31 -6.93 -1.35
N VAL A 592 -7.67 -6.37 -0.20
CA VAL A 592 -8.81 -6.85 0.57
C VAL A 592 -10.07 -6.25 -0.04
N ALA A 593 -10.74 -7.02 -0.92
CA ALA A 593 -11.98 -6.56 -1.52
C ALA A 593 -13.09 -6.52 -0.49
N ALA A 594 -14.22 -5.92 -0.87
CA ALA A 594 -15.27 -5.59 0.09
C ALA A 594 -15.78 -6.82 0.82
N GLY A 595 -15.99 -7.93 0.09
CA GLY A 595 -16.52 -9.12 0.73
C GLY A 595 -15.50 -9.92 1.51
N SER A 596 -14.22 -9.63 1.32
CA SER A 596 -13.14 -10.47 1.84
C SER A 596 -12.68 -9.99 3.22
N SER A 597 -11.61 -10.58 3.71
CA SER A 597 -10.97 -10.26 4.99
C SER A 597 -9.63 -10.98 5.02
N GLY A 598 -8.84 -10.75 6.07
CA GLY A 598 -7.55 -11.40 6.18
C GLY A 598 -7.65 -12.91 6.43
N ASN A 599 -8.76 -13.34 7.02
CA ASN A 599 -9.02 -14.77 7.11
C ASN A 599 -8.88 -15.42 5.74
N ASP A 600 -9.31 -14.73 4.68
CA ASP A 600 -9.17 -15.27 3.35
C ASP A 600 -7.71 -15.54 2.99
N TYR A 601 -6.82 -14.59 3.28
CA TYR A 601 -5.40 -14.86 3.11
C TYR A 601 -5.00 -16.13 3.84
N ASP A 602 -5.47 -16.28 5.08
CA ASP A 602 -5.15 -17.49 5.84
C ASP A 602 -5.64 -18.73 5.10
N LEU A 603 -6.82 -18.64 4.48
CA LEU A 603 -7.36 -19.78 3.74
C LEU A 603 -6.55 -20.04 2.48
N MET A 604 -5.95 -19.00 1.90
CA MET A 604 -5.08 -19.22 0.75
C MET A 604 -3.84 -19.98 1.16
N ALA A 605 -3.31 -19.68 2.34
CA ALA A 605 -2.12 -20.37 2.83
C ALA A 605 -2.41 -21.82 3.24
N GLN A 606 -3.62 -22.10 3.70
CA GLN A 606 -3.96 -23.45 4.13
C GLN A 606 -3.75 -24.47 3.00
N PRO A 607 -3.15 -25.62 3.28
CA PRO A 607 -2.90 -26.62 2.24
C PRO A 607 -4.05 -27.61 2.05
N ILE A 608 -3.91 -28.46 1.03
CA ILE A 608 -4.96 -29.36 0.57
C ILE A 608 -4.52 -30.81 0.78
N THR A 609 -5.40 -31.62 1.34
CA THR A 609 -5.18 -33.05 1.53
C THR A 609 -6.30 -33.83 0.85
N PRO A 610 -5.98 -34.83 0.00
CA PRO A 610 -7.01 -35.68 -0.59
C PRO A 610 -7.38 -36.85 0.32
N PRO A 620 -4.37 -39.90 5.71
CA PRO A 620 -3.81 -39.19 4.56
C PRO A 620 -2.87 -38.06 4.97
N ILE A 621 -2.21 -37.44 4.00
CA ILE A 621 -1.27 -36.35 4.25
C ILE A 621 -1.42 -35.30 3.17
N PRO A 622 -1.02 -34.06 3.46
CA PRO A 622 -1.21 -32.98 2.47
C PRO A 622 -0.22 -33.07 1.32
N ARG A 623 -0.71 -32.74 0.13
CA ARG A 623 0.09 -32.84 -1.10
C ARG A 623 0.23 -31.52 -1.85
N LEU A 624 -0.74 -30.61 -1.76
CA LEU A 624 -0.71 -29.37 -2.52
C LEU A 624 -0.57 -28.20 -1.57
N PHE A 625 0.53 -27.47 -1.68
CA PHE A 625 0.84 -26.35 -0.81
C PHE A 625 0.80 -25.05 -1.59
N PHE A 626 0.63 -23.95 -0.86
CA PHE A 626 0.39 -22.65 -1.47
C PHE A 626 1.24 -21.59 -0.80
N ALA A 627 2.05 -20.90 -1.61
CA ALA A 627 2.76 -19.71 -1.20
C ALA A 627 2.49 -18.61 -2.21
N GLY A 628 2.96 -17.41 -1.90
CA GLY A 628 2.79 -16.27 -2.78
C GLY A 628 2.25 -15.06 -2.05
N GLU A 629 2.26 -13.94 -2.78
CA GLU A 629 1.91 -12.64 -2.23
C GLU A 629 0.50 -12.61 -1.62
N HIS A 630 -0.36 -13.54 -2.01
CA HIS A 630 -1.77 -13.57 -1.62
C HIS A 630 -2.06 -14.55 -0.50
N THR A 631 -1.02 -15.07 0.17
CA THR A 631 -1.20 -16.09 1.18
C THR A 631 -0.64 -15.72 2.55
N ILE A 632 -0.13 -14.51 2.73
CA ILE A 632 0.45 -14.08 4.00
C ILE A 632 -0.40 -12.93 4.54
N ARG A 633 -1.15 -13.24 5.61
CA ARG A 633 -2.13 -12.29 6.14
C ARG A 633 -1.51 -10.96 6.52
N ASN A 634 -0.37 -11.00 7.22
CA ASN A 634 0.22 -9.81 7.81
C ASN A 634 1.14 -9.06 6.86
N TYR A 635 1.54 -9.65 5.74
CA TYR A 635 2.36 -8.91 4.79
C TYR A 635 1.93 -9.16 3.34
N PRO A 636 0.66 -8.93 2.99
CA PRO A 636 0.24 -9.18 1.61
C PRO A 636 0.73 -8.08 0.68
N ALA A 637 0.64 -8.38 -0.62
CA ALA A 637 0.88 -7.40 -1.68
C ALA A 637 2.33 -6.91 -1.70
N THR A 638 3.27 -7.71 -1.22
CA THR A 638 4.65 -7.25 -1.04
C THR A 638 5.66 -8.33 -1.41
N VAL A 639 6.84 -7.86 -1.83
CA VAL A 639 7.97 -8.76 -2.09
C VAL A 639 8.34 -9.52 -0.82
N HIS A 640 8.47 -8.80 0.31
CA HIS A 640 8.82 -9.46 1.55
C HIS A 640 7.71 -10.39 2.02
N GLY A 641 6.46 -10.07 1.71
CA GLY A 641 5.39 -11.02 1.96
C GLY A 641 5.58 -12.32 1.19
N ALA A 642 5.89 -12.20 -0.10
CA ALA A 642 6.19 -13.39 -0.89
C ALA A 642 7.38 -14.17 -0.33
N LEU A 643 8.43 -13.45 0.08
CA LEU A 643 9.61 -14.08 0.65
C LEU A 643 9.27 -14.88 1.91
N LEU A 644 8.54 -14.25 2.83
CA LEU A 644 8.19 -14.90 4.08
C LEU A 644 7.28 -16.08 3.84
N SER A 645 6.35 -15.97 2.89
CA SER A 645 5.45 -17.09 2.60
C SER A 645 6.22 -18.26 2.00
N GLY A 646 7.22 -17.97 1.16
CA GLY A 646 8.06 -19.04 0.64
C GLY A 646 8.80 -19.77 1.75
N LEU A 647 9.42 -19.01 2.65
CA LEU A 647 10.10 -19.62 3.78
C LEU A 647 9.13 -20.46 4.62
N ARG A 648 7.93 -19.95 4.86
CA ARG A 648 6.95 -20.63 5.69
C ARG A 648 6.48 -21.94 5.06
N GLU A 649 6.19 -21.93 3.76
CA GLU A 649 5.75 -23.16 3.13
C GLU A 649 6.88 -24.17 3.03
N ALA A 650 8.12 -23.70 2.86
CA ALA A 650 9.25 -24.62 2.91
C ALA A 650 9.34 -25.31 4.27
N GLY A 651 9.18 -24.54 5.34
CA GLY A 651 9.15 -25.13 6.67
C GLY A 651 8.06 -26.17 6.82
N ARG A 652 6.84 -25.85 6.35
CA ARG A 652 5.72 -26.78 6.45
C ARG A 652 6.01 -28.08 5.69
N ILE A 653 6.48 -27.95 4.44
CA ILE A 653 6.73 -29.14 3.62
C ILE A 653 7.84 -30.00 4.22
N ALA A 654 8.88 -29.35 4.76
CA ALA A 654 9.97 -30.11 5.37
C ALA A 654 9.49 -30.83 6.62
N ASP A 655 8.65 -30.18 7.43
CA ASP A 655 8.05 -30.86 8.56
C ASP A 655 7.29 -32.10 8.12
N GLN A 656 6.51 -31.98 7.05
CA GLN A 656 5.67 -33.10 6.64
C GLN A 656 6.50 -34.25 6.08
N PHE A 657 7.56 -33.95 5.33
CA PHE A 657 8.25 -34.99 4.58
C PHE A 657 9.59 -35.41 5.17
N LEU A 658 10.03 -34.80 6.28
CA LEU A 658 11.25 -35.20 6.94
C LEU A 658 10.97 -35.57 8.40
#